data_9PF9
#
_entry.id   9PF9
#
_cell.length_a   116.675
_cell.length_b   116.675
_cell.length_c   200.030
_cell.angle_alpha   90.000
_cell.angle_beta   90.000
_cell.angle_gamma   90.000
#
_symmetry.space_group_name_H-M   'P 43 21 2'
#
loop_
_entity.id
_entity.type
_entity.pdbx_description
1 polymer 'Fab ATX-350-2 light chain'
2 polymer 'Fab ATX-350-2 heavy chain'
3 polymer BLLF1
4 branched 2-acetamido-2-deoxy-beta-D-glucopyranose-(1-4)-2-acetamido-2-deoxy-beta-D-glucopyranose
5 non-polymer 2-acetamido-2-deoxy-beta-D-glucopyranose
6 water water
#
loop_
_entity_poly.entity_id
_entity_poly.type
_entity_poly.pdbx_seq_one_letter_code
_entity_poly.pdbx_strand_id
1 'polypeptide(L)'
;EIVLTQSPGTLSLSPGERATLSCRASQSVSSSYLAWYLQKPGQAPRLLIYGASSRATGIPDRFSGSGSGTDFTLTINRLE
PEDFAVYYCQQYGSSHTFGQGTKLEIKRTVAAPSVFIFPPSDEQLKSGTASVVCLLNNFYPREAKVQWKVDNALQSGNSQ
ESVTEQDSKDSTYSLSSTLTLSKADYEKHKVYACEVTHQGLSSPVTKSFNRGEC
;
L
2 'polypeptide(L)'
;QITLKESGPTLVKPTQTLTLTCTFSGFSLNTSRVGVGWIRQPPGKALEWLALIYWNDDKRYSPSLKSRLTITKDTSNQVV
LTMTNMDPVDTATYYCAHRYSSRWYWYFDLWGRGTLVTVSSASTKGPSVFPLAPSSKSTSGGTAALGCLVKDYFPEPVTV
SWNSGALTSGVHTFPAVLQSSGLYSLSSVVTVPSSSLGTQTYICNVNHKPSNTKVDKKVE
;
H
3 'polypeptide(L)'
;MEAALLVCQYTIQSLIHLTGEDPGFFNVEIPEFPFYPTCNVCTADVNVTINFDVGGKKHQLDLDFGQLTPHTKAVYQPRG
AFGGSENATNLFLLELLGAGELALTMRSKKLPINVTTGEEQQVSLESVDVYFQDVFGTMWCHHAEMQNPVYLIPETVPYI
KWDNCNSTNITAVVRAQGLDVTLPLSLPTSAQDSNFSVKTQMLGNEIDIECIMEDGEISQVLPGDNKFNITCSGYESHVP
SGGILTSTSPVATPIPGTGYAYSLRLTPRPVSRFLGNNSILYVFYSGNGPKASGGDYCIQSNIVFSDEIPASQDMPTNTT
DITYVGDNATYSVPMVTSEDANSPNVTVTAFWAWPNNTETDFKCKWTLTSGTPSGCENISGAFASNRTFDITVSGLGTAP
KTLIITRTATNATTTTHKVIFSKAPESTTTSPTLNTTGFADPNTTTGLPSSTHVPTNLTAPASTGPTVST
;
G
#
# COMPACT_ATOMS: atom_id res chain seq x y z
N ILE A 2 6.97 -3.55 7.89
CA ILE A 2 6.76 -4.91 7.33
C ILE A 2 5.67 -5.63 8.14
N VAL A 3 4.83 -4.87 8.82
CA VAL A 3 3.83 -5.42 9.72
C VAL A 3 2.54 -4.62 9.61
N LEU A 4 1.41 -5.30 9.82
CA LEU A 4 0.11 -4.66 9.86
C LEU A 4 -0.75 -5.34 10.93
N THR A 5 -1.64 -4.55 11.52
CA THR A 5 -2.49 -5.02 12.61
C THR A 5 -3.84 -4.32 12.50
N GLN A 6 -4.92 -5.08 12.46
CA GLN A 6 -6.24 -4.55 12.17
C GLN A 6 -7.08 -4.49 13.44
N SER A 7 -8.33 -4.08 13.26
CA SER A 7 -9.28 -3.90 14.35
C SER A 7 -9.78 -5.27 14.82
N PRO A 8 -10.66 -5.31 15.83
CA PRO A 8 -11.16 -6.61 16.31
C PRO A 8 -11.71 -7.47 15.21
N GLY A 9 -11.89 -8.76 15.50
CA GLY A 9 -12.42 -9.69 14.51
C GLY A 9 -13.91 -9.86 14.63
N THR A 10 -14.53 -10.25 13.51
CA THR A 10 -15.95 -10.55 13.43
C THR A 10 -16.77 -9.45 14.10
N LEU A 11 -16.69 -8.25 13.54
CA LEU A 11 -17.57 -7.17 13.97
C LEU A 11 -18.98 -7.43 13.46
N SER A 12 -19.97 -7.32 14.34
CA SER A 12 -21.36 -7.52 14.00
C SER A 12 -22.08 -6.19 14.11
N LEU A 13 -22.71 -5.76 13.02
CA LEU A 13 -23.41 -4.48 12.97
C LEU A 13 -24.74 -4.66 12.28
N SER A 14 -25.69 -3.80 12.64
CA SER A 14 -26.96 -3.75 11.94
C SER A 14 -26.79 -3.04 10.60
N PRO A 15 -27.51 -3.45 9.57
CA PRO A 15 -27.43 -2.74 8.28
C PRO A 15 -27.97 -1.32 8.42
N GLY A 16 -27.42 -0.43 7.59
CA GLY A 16 -27.70 0.98 7.70
C GLY A 16 -26.74 1.73 8.60
N GLU A 17 -25.95 1.02 9.40
CA GLU A 17 -24.92 1.63 10.22
C GLU A 17 -23.68 1.91 9.38
N ARG A 18 -22.58 2.23 10.04
CA ARG A 18 -21.31 2.54 9.38
C ARG A 18 -20.21 1.66 9.95
N ALA A 19 -19.28 1.28 9.10
CA ALA A 19 -18.16 0.43 9.50
C ALA A 19 -16.95 1.27 9.89
N THR A 20 -16.12 0.70 10.76
CA THR A 20 -14.95 1.40 11.28
C THR A 20 -13.84 0.37 11.49
N LEU A 21 -12.94 0.26 10.51
CA LEU A 21 -11.83 -0.69 10.56
C LEU A 21 -10.52 0.07 10.59
N SER A 22 -9.73 -0.15 11.64
CA SER A 22 -8.39 0.41 11.73
C SER A 22 -7.37 -0.61 11.23
N CYS A 23 -6.32 -0.12 10.59
CA CYS A 23 -5.20 -0.93 10.11
C CYS A 23 -3.92 -0.24 10.59
N ARG A 24 -3.53 -0.52 11.83
CA ARG A 24 -2.35 0.10 12.41
C ARG A 24 -1.09 -0.60 11.91
N ALA A 25 0.01 0.16 11.89
CA ALA A 25 1.27 -0.34 11.35
C ALA A 25 2.42 0.07 12.25
N SER A 26 3.48 -0.75 12.24
CA SER A 26 4.64 -0.48 13.08
C SER A 26 5.55 0.57 12.45
N GLN A 27 5.83 0.45 11.16
CA GLN A 27 6.63 1.42 10.43
C GLN A 27 5.74 2.18 9.45
N SER A 28 5.98 3.48 9.33
CA SER A 28 5.15 4.35 8.51
C SER A 28 5.46 4.11 7.04
N VAL A 29 4.56 3.41 6.35
CA VAL A 29 4.63 3.35 4.90
C VAL A 29 4.59 4.76 4.34
N SER A 30 5.12 4.92 3.12
CA SER A 30 4.89 6.17 2.41
C SER A 30 3.39 6.26 2.18
N SER A 31 2.72 7.11 2.96
CA SER A 31 1.28 6.99 3.18
C SER A 31 0.49 6.96 1.88
N SER A 32 1.09 7.38 0.76
CA SER A 32 0.40 7.30 -0.51
C SER A 32 0.09 5.88 -0.94
N TYR A 33 0.66 4.88 -0.26
CA TYR A 33 0.73 3.51 -0.78
C TYR A 33 0.16 2.51 0.22
N LEU A 34 -1.16 2.29 0.14
CA LEU A 34 -1.81 1.21 0.87
C LEU A 34 -3.12 0.90 0.15
N ALA A 35 -3.58 -0.33 0.31
CA ALA A 35 -4.80 -0.79 -0.34
C ALA A 35 -5.63 -1.60 0.64
N TRP A 36 -6.93 -1.66 0.37
CA TRP A 36 -7.86 -2.47 1.14
C TRP A 36 -8.47 -3.52 0.23
N TYR A 37 -8.76 -4.69 0.80
CA TYR A 37 -9.28 -5.82 0.05
C TYR A 37 -10.47 -6.43 0.78
N LEU A 38 -11.24 -7.23 0.04
CA LEU A 38 -12.44 -7.87 0.56
C LEU A 38 -12.53 -9.28 0.01
N GLN A 39 -12.75 -10.26 0.89
CA GLN A 39 -12.92 -11.64 0.48
C GLN A 39 -14.10 -12.24 1.24
N LYS A 40 -14.86 -13.09 0.55
CA LYS A 40 -15.97 -13.83 1.14
C LYS A 40 -15.66 -15.32 1.00
N PRO A 41 -15.66 -16.10 2.09
CA PRO A 41 -15.35 -17.53 1.95
C PRO A 41 -16.25 -18.18 0.91
N GLY A 42 -15.66 -19.03 0.08
CA GLY A 42 -16.32 -19.54 -1.10
C GLY A 42 -16.07 -18.73 -2.36
N GLN A 43 -15.36 -17.60 -2.25
CA GLN A 43 -15.04 -16.76 -3.40
C GLN A 43 -13.57 -16.35 -3.28
N ALA A 44 -13.17 -15.38 -4.10
CA ALA A 44 -11.81 -14.88 -4.14
C ALA A 44 -11.77 -13.39 -3.85
N PRO A 45 -10.65 -12.87 -3.36
CA PRO A 45 -10.62 -11.49 -2.88
C PRO A 45 -10.94 -10.48 -3.97
N ARG A 46 -11.64 -9.41 -3.58
CA ARG A 46 -11.96 -8.29 -4.45
C ARG A 46 -11.18 -7.06 -4.01
N LEU A 47 -10.79 -6.25 -4.98
CA LEU A 47 -10.05 -5.02 -4.71
C LEU A 47 -11.02 -3.90 -4.35
N LEU A 48 -10.63 -3.08 -3.37
CA LEU A 48 -11.48 -1.97 -2.92
C LEU A 48 -10.84 -0.60 -3.11
N ILE A 49 -9.64 -0.36 -2.57
CA ILE A 49 -9.15 1.00 -2.40
C ILE A 49 -7.65 1.04 -2.57
N TYR A 50 -7.15 2.20 -2.99
CA TYR A 50 -5.72 2.53 -3.00
C TYR A 50 -5.48 3.76 -2.14
N GLY A 51 -4.27 3.85 -1.58
CA GLY A 51 -3.91 4.99 -0.76
C GLY A 51 -4.94 5.33 0.30
N ALA A 52 -5.77 4.34 0.65
CA ALA A 52 -6.81 4.47 1.66
C ALA A 52 -7.97 5.36 1.20
N SER A 53 -7.88 6.00 0.03
CA SER A 53 -8.99 6.82 -0.42
C SER A 53 -9.40 6.57 -1.87
N SER A 54 -8.43 6.25 -2.73
CA SER A 54 -8.75 6.08 -4.15
C SER A 54 -9.58 4.82 -4.34
N ARG A 55 -10.70 4.97 -5.03
CA ARG A 55 -11.68 3.89 -5.16
C ARG A 55 -11.50 3.17 -6.49
N ALA A 56 -11.62 1.84 -6.44
CA ALA A 56 -11.43 1.02 -7.63
C ALA A 56 -12.64 1.14 -8.56
N THR A 57 -12.56 0.46 -9.69
CA THR A 57 -13.63 0.51 -10.67
C THR A 57 -14.91 -0.10 -10.11
N GLY A 58 -16.04 0.47 -10.51
CA GLY A 58 -17.35 -0.03 -10.12
C GLY A 58 -17.77 0.28 -8.70
N ILE A 59 -16.83 0.65 -7.83
CA ILE A 59 -17.14 0.90 -6.42
C ILE A 59 -17.84 2.25 -6.30
N PRO A 60 -18.89 2.37 -5.48
CA PRO A 60 -19.56 3.66 -5.32
C PRO A 60 -18.89 4.55 -4.28
N ASP A 61 -19.51 5.70 -3.99
CA ASP A 61 -19.03 6.59 -2.94
C ASP A 61 -19.22 6.00 -1.55
N ARG A 62 -19.93 4.88 -1.43
CA ARG A 62 -20.34 4.31 -0.16
C ARG A 62 -19.17 3.83 0.69
N PHE A 63 -17.94 3.97 0.20
CA PHE A 63 -16.77 3.50 0.90
C PHE A 63 -15.76 4.61 1.06
N SER A 64 -15.03 4.58 2.17
CA SER A 64 -14.06 5.62 2.47
C SER A 64 -13.04 5.09 3.46
N GLY A 65 -11.77 5.10 3.07
CA GLY A 65 -10.67 4.89 3.98
C GLY A 65 -10.01 6.22 4.33
N SER A 66 -8.96 6.12 5.14
CA SER A 66 -8.27 7.31 5.64
C SER A 66 -7.00 6.87 6.34
N GLY A 67 -6.32 7.84 6.97
CA GLY A 67 -5.16 7.56 7.78
C GLY A 67 -3.85 7.63 7.01
N SER A 68 -2.75 7.61 7.77
CA SER A 68 -1.42 7.67 7.18
C SER A 68 -0.43 7.05 8.15
N GLY A 69 0.69 6.59 7.60
CA GLY A 69 1.78 6.10 8.42
C GLY A 69 1.35 4.95 9.31
N THR A 70 1.54 5.12 10.62
CA THR A 70 1.29 4.07 11.58
C THR A 70 -0.19 3.69 11.70
N ASP A 71 -1.10 4.49 11.16
CA ASP A 71 -2.53 4.22 11.26
C ASP A 71 -3.20 4.49 9.93
N PHE A 72 -3.89 3.48 9.40
CA PHE A 72 -4.82 3.64 8.29
C PHE A 72 -6.19 3.15 8.74
N THR A 73 -7.23 3.79 8.22
CA THR A 73 -8.59 3.54 8.65
C THR A 73 -9.49 3.32 7.45
N LEU A 74 -10.50 2.46 7.63
CA LEU A 74 -11.48 2.15 6.60
C LEU A 74 -12.87 2.27 7.19
N THR A 75 -13.79 2.84 6.40
CA THR A 75 -15.18 2.96 6.79
C THR A 75 -16.08 2.57 5.63
N ILE A 76 -17.24 2.02 5.96
CA ILE A 76 -18.27 1.68 5.00
C ILE A 76 -19.55 2.34 5.46
N ASN A 77 -20.18 3.09 4.56
CA ASN A 77 -21.41 3.80 4.86
C ASN A 77 -22.62 2.99 4.41
N ARG A 78 -23.76 3.28 5.05
CA ARG A 78 -25.04 2.70 4.65
C ARG A 78 -24.89 1.18 4.45
N LEU A 79 -24.54 0.50 5.53
CA LEU A 79 -24.20 -0.91 5.46
C LEU A 79 -25.34 -1.72 4.84
N GLU A 80 -24.99 -2.62 3.94
CA GLU A 80 -25.93 -3.50 3.27
C GLU A 80 -25.60 -4.95 3.58
N PRO A 81 -26.60 -5.83 3.65
CA PRO A 81 -26.31 -7.26 3.85
C PRO A 81 -25.34 -7.82 2.80
N GLU A 82 -25.30 -7.22 1.61
CA GLU A 82 -24.35 -7.66 0.60
C GLU A 82 -22.91 -7.55 1.08
N ASP A 83 -22.63 -6.58 1.96
CA ASP A 83 -21.26 -6.20 2.27
C ASP A 83 -20.57 -7.12 3.27
N PHE A 84 -21.32 -7.95 4.00
CA PHE A 84 -20.80 -8.61 5.19
C PHE A 84 -19.92 -9.78 4.78
N ALA A 85 -18.60 -9.57 4.88
CA ALA A 85 -17.60 -10.54 4.48
C ALA A 85 -16.30 -10.21 5.22
N VAL A 86 -15.19 -10.78 4.76
CA VAL A 86 -13.87 -10.58 5.37
C VAL A 86 -13.17 -9.42 4.68
N TYR A 87 -12.37 -8.68 5.44
CA TYR A 87 -11.69 -7.49 4.96
C TYR A 87 -10.23 -7.53 5.37
N TYR A 88 -9.36 -7.04 4.48
CA TYR A 88 -7.92 -6.99 4.72
C TYR A 88 -7.37 -5.65 4.27
N CYS A 89 -6.21 -5.30 4.81
CA CYS A 89 -5.44 -4.15 4.36
C CYS A 89 -4.06 -4.62 3.94
N GLN A 90 -3.57 -4.11 2.81
CA GLN A 90 -2.28 -4.50 2.26
C GLN A 90 -1.42 -3.27 2.09
N GLN A 91 -0.16 -3.39 2.49
CA GLN A 91 0.82 -2.33 2.33
C GLN A 91 1.71 -2.60 1.12
N TYR A 92 1.92 -1.57 0.33
CA TYR A 92 3.03 -1.53 -0.63
C TYR A 92 3.84 -0.28 -0.29
N GLY A 93 4.78 0.06 -1.15
CA GLY A 93 5.82 0.99 -0.75
C GLY A 93 6.92 0.34 0.04
N SER A 94 6.85 -0.97 0.26
CA SER A 94 7.84 -1.78 0.95
C SER A 94 7.50 -3.23 0.62
N SER A 95 8.17 -4.17 1.29
CA SER A 95 7.87 -5.57 1.07
C SER A 95 6.39 -5.82 1.35
N HIS A 96 5.76 -6.58 0.46
CA HIS A 96 4.31 -6.79 0.55
C HIS A 96 3.97 -7.49 1.86
N THR A 97 2.94 -6.96 2.55
CA THR A 97 2.46 -7.55 3.79
C THR A 97 0.98 -7.23 3.93
N PHE A 98 0.25 -8.15 4.56
CA PHE A 98 -1.18 -8.03 4.76
C PHE A 98 -1.49 -7.98 6.25
N GLY A 99 -2.59 -7.31 6.58
CA GLY A 99 -3.13 -7.41 7.92
C GLY A 99 -3.69 -8.80 8.18
N GLN A 100 -3.98 -9.08 9.45
CA GLN A 100 -4.42 -10.41 9.81
C GLN A 100 -5.92 -10.62 9.58
N GLY A 101 -6.66 -9.58 9.22
CA GLY A 101 -8.01 -9.77 8.72
C GLY A 101 -9.07 -9.31 9.72
N THR A 102 -10.17 -8.80 9.17
CA THR A 102 -11.36 -8.46 9.93
C THR A 102 -12.58 -9.04 9.21
N LYS A 103 -13.59 -9.43 9.99
CA LYS A 103 -14.76 -10.12 9.46
C LYS A 103 -16.02 -9.38 9.90
N LEU A 104 -17.08 -9.53 9.10
CA LEU A 104 -18.29 -8.74 9.26
C LEU A 104 -19.50 -9.66 9.36
N GLU A 105 -20.46 -9.27 10.20
CA GLU A 105 -21.65 -10.06 10.45
C GLU A 105 -22.87 -9.14 10.56
N ILE A 106 -23.97 -9.55 9.92
CA ILE A 106 -25.23 -8.82 10.06
C ILE A 106 -25.80 -9.10 11.44
N LYS A 107 -26.19 -8.03 12.14
CA LYS A 107 -26.91 -8.20 13.41
C LYS A 107 -28.41 -8.30 13.11
N ARG A 108 -28.77 -9.43 12.53
CA ARG A 108 -30.15 -9.70 12.15
C ARG A 108 -31.04 -9.74 13.38
N THR A 109 -32.29 -9.29 13.20
CA THR A 109 -33.29 -9.43 14.26
C THR A 109 -33.41 -10.90 14.64
N VAL A 110 -33.34 -11.17 15.94
CA VAL A 110 -33.19 -12.53 16.42
C VAL A 110 -34.20 -13.45 15.75
N ALA A 111 -33.73 -14.63 15.34
CA ALA A 111 -34.59 -15.65 14.77
C ALA A 111 -34.19 -17.00 15.33
N ALA A 112 -35.15 -17.92 15.39
CA ALA A 112 -34.95 -19.19 16.05
C ALA A 112 -34.35 -20.21 15.10
N PRO A 113 -33.65 -21.22 15.64
CA PRO A 113 -33.10 -22.29 14.79
C PRO A 113 -34.20 -23.27 14.39
N SER A 114 -34.31 -23.51 13.08
CA SER A 114 -35.26 -24.49 12.56
C SER A 114 -34.62 -25.87 12.68
N VAL A 115 -35.06 -26.64 13.68
CA VAL A 115 -34.40 -27.89 14.02
C VAL A 115 -34.92 -29.01 13.13
N PHE A 116 -34.00 -29.87 12.68
CA PHE A 116 -34.33 -31.09 11.96
C PHE A 116 -33.41 -32.18 12.49
N ILE A 117 -33.68 -33.42 12.06
CA ILE A 117 -32.82 -34.54 12.39
C ILE A 117 -32.99 -35.59 11.31
N PHE A 118 -31.86 -36.16 10.87
CA PHE A 118 -31.84 -37.16 9.82
C PHE A 118 -31.23 -38.45 10.36
N PRO A 119 -31.92 -39.58 10.33
CA PRO A 119 -31.34 -40.82 10.84
C PRO A 119 -30.31 -41.37 9.89
N PRO A 120 -29.45 -42.28 10.34
CA PRO A 120 -28.50 -42.91 9.43
C PRO A 120 -29.22 -43.76 8.39
N SER A 121 -28.81 -43.62 7.14
CA SER A 121 -29.51 -44.27 6.04
C SER A 121 -29.07 -45.72 5.90
N ASP A 122 -29.93 -46.49 5.22
CA ASP A 122 -29.72 -47.94 5.15
C ASP A 122 -28.38 -48.28 4.52
N GLU A 123 -28.05 -47.64 3.39
CA GLU A 123 -26.77 -47.94 2.74
C GLU A 123 -25.61 -47.67 3.69
N GLN A 124 -25.70 -46.59 4.48
CA GLN A 124 -24.66 -46.29 5.45
C GLN A 124 -24.49 -47.41 6.45
N LEU A 125 -25.59 -48.11 6.80
CA LEU A 125 -25.50 -49.17 7.80
C LEU A 125 -24.76 -50.38 7.28
N LYS A 126 -24.78 -50.61 5.96
CA LYS A 126 -24.08 -51.77 5.40
C LYS A 126 -22.58 -51.73 5.68
N SER A 127 -22.03 -50.55 5.98
CA SER A 127 -20.61 -50.42 6.24
C SER A 127 -20.21 -50.86 7.64
N GLY A 128 -21.18 -51.02 8.55
CA GLY A 128 -20.87 -51.31 9.94
C GLY A 128 -20.78 -50.09 10.82
N THR A 129 -21.05 -48.90 10.30
CA THR A 129 -21.05 -47.66 11.07
C THR A 129 -22.36 -46.93 10.80
N ALA A 130 -22.60 -45.89 11.60
CA ALA A 130 -23.80 -45.08 11.45
C ALA A 130 -23.52 -43.66 11.91
N SER A 131 -23.92 -42.68 11.10
CA SER A 131 -23.75 -41.27 11.41
C SER A 131 -25.13 -40.64 11.54
N VAL A 132 -25.46 -40.19 12.74
CA VAL A 132 -26.72 -39.50 13.00
C VAL A 132 -26.47 -38.01 12.90
N VAL A 133 -27.31 -37.32 12.12
CA VAL A 133 -27.10 -35.91 11.80
C VAL A 133 -28.28 -35.11 12.34
N CYS A 134 -27.99 -34.06 13.09
CA CYS A 134 -28.98 -33.10 13.57
C CYS A 134 -28.68 -31.75 12.94
N LEU A 135 -29.74 -31.02 12.60
CA LEU A 135 -29.62 -29.83 11.76
C LEU A 135 -30.31 -28.63 12.40
N LEU A 136 -29.63 -27.49 12.40
CA LEU A 136 -30.20 -26.19 12.71
C LEU A 136 -30.11 -25.36 11.43
N ASN A 137 -31.25 -25.15 10.77
CA ASN A 137 -31.22 -24.71 9.38
C ASN A 137 -30.91 -23.21 9.26
N ASN A 138 -31.74 -22.35 9.84
CA ASN A 138 -31.60 -20.92 9.65
C ASN A 138 -31.91 -20.17 10.94
N PHE A 139 -31.01 -19.26 11.31
CA PHE A 139 -31.10 -18.49 12.55
C PHE A 139 -29.97 -17.48 12.57
N TYR A 140 -30.14 -16.37 13.29
CA TYR A 140 -29.02 -15.44 13.37
C TYR A 140 -27.99 -15.82 14.44
N PRO A 141 -28.37 -15.94 15.71
CA PRO A 141 -27.36 -15.96 16.78
C PRO A 141 -26.44 -17.16 16.67
N ARG A 142 -25.14 -16.87 16.54
CA ARG A 142 -24.15 -17.94 16.38
C ARG A 142 -24.06 -18.81 17.63
N GLU A 143 -24.37 -18.25 18.81
CA GLU A 143 -24.20 -18.97 20.07
C GLU A 143 -25.31 -20.00 20.22
N ALA A 144 -25.13 -21.14 19.54
CA ALA A 144 -26.03 -22.27 19.62
C ALA A 144 -25.27 -23.49 20.12
N LYS A 145 -25.93 -24.32 20.92
CA LYS A 145 -25.34 -25.53 21.48
C LYS A 145 -26.24 -26.72 21.21
N VAL A 146 -25.61 -27.85 20.88
CA VAL A 146 -26.32 -29.10 20.63
C VAL A 146 -25.75 -30.16 21.57
N GLN A 147 -26.64 -30.88 22.26
CA GLN A 147 -26.27 -31.99 23.12
C GLN A 147 -26.99 -33.24 22.64
N TRP A 148 -26.25 -34.34 22.52
CA TRP A 148 -26.76 -35.58 21.96
C TRP A 148 -27.13 -36.53 23.09
N LYS A 149 -28.39 -36.96 23.10
CA LYS A 149 -28.90 -37.89 24.10
C LYS A 149 -29.41 -39.15 23.40
N VAL A 150 -29.13 -40.30 24.00
CA VAL A 150 -29.55 -41.60 23.47
C VAL A 150 -30.21 -42.36 24.60
N ASP A 151 -31.46 -42.77 24.39
CA ASP A 151 -32.27 -43.34 25.47
C ASP A 151 -32.23 -42.43 26.70
N ASN A 152 -32.18 -41.13 26.45
CA ASN A 152 -32.06 -40.08 27.46
C ASN A 152 -30.69 -40.09 28.14
N ALA A 153 -29.72 -40.83 27.60
CA ALA A 153 -28.37 -40.83 28.11
C ALA A 153 -27.52 -39.89 27.25
N LEU A 154 -26.80 -38.99 27.91
CA LEU A 154 -26.07 -37.93 27.23
C LEU A 154 -24.70 -38.42 26.78
N GLN A 155 -24.40 -38.25 25.50
CA GLN A 155 -23.12 -38.65 24.92
C GLN A 155 -22.09 -37.54 25.12
N SER A 156 -20.87 -37.81 24.69
CA SER A 156 -19.78 -36.85 24.83
C SER A 156 -18.75 -37.09 23.73
N GLY A 157 -18.13 -36.01 23.28
CA GLY A 157 -16.98 -36.08 22.40
C GLY A 157 -17.30 -36.47 20.97
N ASN A 158 -17.87 -37.66 20.79
CA ASN A 158 -18.07 -38.20 19.44
C ASN A 158 -18.86 -37.24 18.57
N SER A 159 -19.77 -36.47 19.16
CA SER A 159 -20.58 -35.54 18.38
C SER A 159 -19.68 -34.45 17.78
N GLN A 160 -19.64 -34.40 16.46
CA GLN A 160 -18.95 -33.35 15.72
C GLN A 160 -19.95 -32.31 15.22
N GLU A 161 -19.45 -31.09 15.00
CA GLU A 161 -20.31 -29.96 14.65
C GLU A 161 -19.66 -29.13 13.57
N SER A 162 -20.48 -28.54 12.70
CA SER A 162 -20.00 -27.67 11.63
C SER A 162 -21.03 -26.56 11.41
N VAL A 163 -20.54 -25.41 10.96
CA VAL A 163 -21.35 -24.21 10.80
C VAL A 163 -21.08 -23.61 9.43
N THR A 164 -22.14 -23.31 8.70
CA THR A 164 -22.02 -22.58 7.45
C THR A 164 -21.80 -21.10 7.72
N GLU A 165 -21.18 -20.42 6.78
CA GLU A 165 -20.98 -18.99 6.89
C GLU A 165 -22.30 -18.27 6.63
N GLN A 166 -22.46 -17.12 7.27
CA GLN A 166 -23.73 -16.39 7.23
C GLN A 166 -24.12 -16.08 5.78
N ASP A 167 -25.38 -16.31 5.46
CA ASP A 167 -25.88 -16.02 4.12
C ASP A 167 -25.90 -14.52 3.89
N SER A 168 -25.34 -14.08 2.75
CA SER A 168 -25.26 -12.66 2.47
C SER A 168 -26.64 -12.04 2.26
N LYS A 169 -27.52 -12.75 1.55
CA LYS A 169 -28.84 -12.20 1.26
C LYS A 169 -29.74 -12.25 2.50
N ASP A 170 -29.72 -13.38 3.23
CA ASP A 170 -30.71 -13.66 4.26
C ASP A 170 -30.19 -13.51 5.68
N SER A 171 -28.87 -13.37 5.87
CA SER A 171 -28.27 -13.30 7.20
C SER A 171 -28.55 -14.56 8.03
N THR A 172 -28.77 -15.69 7.36
CA THR A 172 -29.16 -16.92 8.02
C THR A 172 -27.93 -17.81 8.24
N TYR A 173 -27.69 -18.18 9.49
CA TYR A 173 -26.70 -19.20 9.81
C TYR A 173 -27.28 -20.59 9.55
N SER A 174 -26.42 -21.59 9.61
CA SER A 174 -26.85 -22.98 9.57
C SER A 174 -25.78 -23.82 10.26
N LEU A 175 -26.21 -24.85 10.97
CA LEU A 175 -25.30 -25.71 11.71
C LEU A 175 -25.58 -27.17 11.38
N SER A 176 -24.52 -27.98 11.46
CA SER A 176 -24.62 -29.43 11.32
C SER A 176 -23.91 -30.07 12.50
N SER A 177 -24.64 -30.89 13.25
CA SER A 177 -24.07 -31.67 14.35
C SER A 177 -24.13 -33.15 13.96
N THR A 178 -22.97 -33.78 13.91
CA THR A 178 -22.84 -35.15 13.43
C THR A 178 -22.38 -36.04 14.57
N LEU A 179 -23.13 -37.10 14.83
CA LEU A 179 -22.80 -38.08 15.85
C LEU A 179 -22.46 -39.40 15.17
N THR A 180 -21.21 -39.83 15.28
CA THR A 180 -20.71 -41.02 14.60
C THR A 180 -20.43 -42.12 15.62
N LEU A 181 -20.96 -43.31 15.36
CA LEU A 181 -20.69 -44.47 16.18
C LEU A 181 -20.86 -45.74 15.34
N SER A 182 -20.30 -46.83 15.84
CA SER A 182 -20.35 -48.09 15.13
C SER A 182 -21.79 -48.58 15.02
N LYS A 183 -22.04 -49.40 13.99
CA LYS A 183 -23.35 -50.04 13.86
C LYS A 183 -23.71 -50.80 15.12
N ALA A 184 -22.73 -51.49 15.72
CA ALA A 184 -23.00 -52.25 16.93
C ALA A 184 -23.47 -51.35 18.06
N ASP A 185 -22.73 -50.26 18.31
CA ASP A 185 -23.15 -49.32 19.35
C ASP A 185 -24.48 -48.68 19.01
N TYR A 186 -24.81 -48.57 17.72
CA TYR A 186 -26.08 -47.97 17.31
C TYR A 186 -27.26 -48.87 17.67
N GLU A 187 -27.08 -50.19 17.63
CA GLU A 187 -28.17 -51.10 17.93
C GLU A 187 -28.48 -51.18 19.42
N LYS A 188 -27.53 -50.76 20.28
CA LYS A 188 -27.70 -50.92 21.71
C LYS A 188 -28.83 -50.06 22.28
N HIS A 189 -29.29 -49.06 21.55
CA HIS A 189 -30.25 -48.11 22.08
C HIS A 189 -31.28 -47.75 21.01
N LYS A 190 -32.43 -47.24 21.47
CA LYS A 190 -33.60 -47.02 20.64
C LYS A 190 -33.91 -45.56 20.39
N VAL A 191 -33.99 -44.75 21.44
CA VAL A 191 -34.40 -43.35 21.31
C VAL A 191 -33.15 -42.50 21.07
N TYR A 192 -33.15 -41.78 19.95
CA TYR A 192 -32.05 -40.89 19.59
C TYR A 192 -32.59 -39.47 19.55
N ALA A 193 -31.99 -38.58 20.34
CA ALA A 193 -32.52 -37.24 20.55
C ALA A 193 -31.42 -36.21 20.37
N CYS A 194 -31.83 -35.02 19.93
CA CYS A 194 -30.93 -33.90 19.70
C CYS A 194 -31.45 -32.70 20.50
N GLU A 195 -30.73 -32.33 21.55
CA GLU A 195 -31.12 -31.24 22.44
C GLU A 195 -30.42 -29.96 22.03
N VAL A 196 -31.20 -28.90 21.82
CA VAL A 196 -30.70 -27.62 21.30
C VAL A 196 -30.95 -26.54 22.34
N THR A 197 -29.88 -25.83 22.69
CA THR A 197 -29.96 -24.68 23.59
C THR A 197 -29.60 -23.44 22.80
N HIS A 198 -30.38 -22.37 22.96
CA HIS A 198 -30.18 -21.21 22.12
C HIS A 198 -30.77 -19.98 22.79
N GLN A 199 -30.18 -18.81 22.46
CA GLN A 199 -30.76 -17.55 22.87
C GLN A 199 -32.14 -17.35 22.27
N GLY A 200 -32.32 -17.75 21.02
CA GLY A 200 -33.57 -17.66 20.31
C GLY A 200 -34.59 -18.71 20.70
N LEU A 201 -34.29 -19.53 21.71
CA LEU A 201 -35.21 -20.53 22.23
C LEU A 201 -35.43 -20.27 23.71
N SER A 202 -36.71 -20.14 24.09
CA SER A 202 -37.08 -19.90 25.48
C SER A 202 -36.34 -20.84 26.42
N SER A 203 -36.58 -22.13 26.26
CA SER A 203 -35.87 -23.18 26.95
C SER A 203 -35.40 -24.19 25.91
N PRO A 204 -34.37 -24.96 26.21
CA PRO A 204 -33.78 -25.84 25.18
C PRO A 204 -34.81 -26.78 24.57
N VAL A 205 -34.75 -26.91 23.25
CA VAL A 205 -35.60 -27.83 22.51
C VAL A 205 -34.90 -29.19 22.44
N THR A 206 -35.67 -30.23 22.13
CA THR A 206 -35.12 -31.55 21.90
C THR A 206 -36.04 -32.30 20.95
N LYS A 207 -35.50 -32.71 19.79
CA LYS A 207 -36.24 -33.46 18.79
C LYS A 207 -35.56 -34.81 18.59
N SER A 208 -36.35 -35.88 18.58
CA SER A 208 -35.83 -37.23 18.67
C SER A 208 -36.62 -38.15 17.75
N PHE A 209 -36.07 -39.35 17.56
CA PHE A 209 -36.73 -40.40 16.79
C PHE A 209 -36.37 -41.74 17.43
N ASN A 210 -37.19 -42.75 17.12
CA ASN A 210 -36.99 -44.10 17.63
C ASN A 210 -36.40 -44.97 16.54
N ARG A 211 -35.37 -45.74 16.88
CA ARG A 211 -34.68 -46.55 15.88
C ARG A 211 -35.65 -47.49 15.19
N GLY A 212 -35.58 -47.53 13.86
CA GLY A 212 -36.39 -48.40 13.05
C GLY A 212 -37.77 -47.87 12.70
N GLU A 213 -38.35 -47.04 13.57
CA GLU A 213 -39.67 -46.51 13.31
C GLU A 213 -39.61 -45.55 12.13
N CYS A 214 -40.49 -45.77 11.14
CA CYS A 214 -40.41 -45.06 9.88
C CYS A 214 -41.59 -44.12 9.69
N ILE B 2 -10.62 -9.71 -18.57
CA ILE B 2 -9.35 -10.32 -18.07
C ILE B 2 -9.66 -11.42 -17.07
N THR B 3 -8.88 -12.50 -17.10
CA THR B 3 -9.10 -13.61 -16.19
C THR B 3 -7.78 -14.34 -15.95
N LEU B 4 -7.72 -15.03 -14.81
CA LEU B 4 -6.61 -15.92 -14.49
C LEU B 4 -7.15 -17.22 -13.93
N LYS B 5 -6.42 -18.31 -14.18
CA LYS B 5 -6.76 -19.63 -13.68
C LYS B 5 -5.54 -20.26 -13.04
N GLU B 6 -5.74 -20.97 -11.94
CA GLU B 6 -4.68 -21.75 -11.33
C GLU B 6 -4.76 -23.20 -11.82
N SER B 7 -3.63 -23.89 -11.73
CA SER B 7 -3.56 -25.30 -12.10
C SER B 7 -2.35 -25.93 -11.42
N GLY B 8 -2.55 -27.13 -10.87
CA GLY B 8 -1.47 -27.85 -10.23
C GLY B 8 -1.97 -28.96 -9.34
N PRO B 9 -1.05 -29.74 -8.77
CA PRO B 9 -1.42 -30.84 -7.87
C PRO B 9 -1.88 -30.30 -6.53
N THR B 10 -3.11 -30.64 -6.15
CA THR B 10 -3.70 -30.16 -4.90
C THR B 10 -3.31 -31.02 -3.70
N LEU B 11 -2.36 -31.93 -3.86
CA LEU B 11 -1.79 -32.67 -2.74
C LEU B 11 -0.33 -32.96 -3.03
N VAL B 12 0.54 -32.66 -2.06
CA VAL B 12 1.98 -32.87 -2.20
C VAL B 12 2.50 -33.48 -0.91
N LYS B 13 3.45 -34.39 -1.04
CA LYS B 13 3.97 -35.11 0.10
C LYS B 13 4.98 -34.26 0.87
N PRO B 14 5.16 -34.51 2.16
CA PRO B 14 6.10 -33.71 2.95
C PRO B 14 7.52 -33.80 2.39
N THR B 15 8.21 -32.65 2.40
CA THR B 15 9.57 -32.46 1.90
C THR B 15 9.67 -32.63 0.40
N GLN B 16 8.57 -32.94 -0.29
CA GLN B 16 8.59 -33.03 -1.74
C GLN B 16 8.59 -31.62 -2.32
N THR B 17 8.40 -31.50 -3.62
CA THR B 17 8.42 -30.21 -4.30
C THR B 17 7.03 -29.90 -4.82
N LEU B 18 6.67 -28.62 -4.79
CA LEU B 18 5.35 -28.14 -5.18
C LEU B 18 5.45 -27.29 -6.44
N THR B 19 4.55 -27.53 -7.38
CA THR B 19 4.58 -26.86 -8.69
C THR B 19 3.18 -26.41 -9.04
N LEU B 20 3.01 -25.10 -9.25
CA LEU B 20 1.70 -24.52 -9.52
C LEU B 20 1.80 -23.62 -10.74
N THR B 21 0.82 -23.74 -11.64
CA THR B 21 0.82 -23.04 -12.92
C THR B 21 -0.36 -22.08 -12.97
N CYS B 22 -0.11 -20.85 -13.39
CA CYS B 22 -1.14 -19.83 -13.56
C CYS B 22 -1.33 -19.58 -15.05
N THR B 23 -2.56 -19.77 -15.52
CA THR B 23 -2.92 -19.53 -16.91
C THR B 23 -3.88 -18.36 -16.97
N PHE B 24 -3.66 -17.46 -17.93
CA PHE B 24 -4.35 -16.17 -17.94
C PHE B 24 -4.69 -15.77 -19.37
N SER B 25 -5.65 -14.85 -19.47
CA SER B 25 -6.05 -14.29 -20.76
C SER B 25 -6.50 -12.85 -20.54
N GLY B 26 -6.41 -12.05 -21.59
CA GLY B 26 -6.75 -10.64 -21.52
C GLY B 26 -5.57 -9.70 -21.42
N PHE B 27 -4.35 -10.23 -21.33
CA PHE B 27 -3.16 -9.38 -21.32
C PHE B 27 -1.98 -10.20 -21.79
N SER B 28 -0.93 -9.49 -22.21
CA SER B 28 0.33 -10.09 -22.64
C SER B 28 1.45 -9.57 -21.77
N LEU B 29 2.33 -10.49 -21.34
CA LEU B 29 3.44 -10.13 -20.48
C LEU B 29 4.74 -9.89 -21.24
N ASN B 30 4.89 -10.45 -22.44
CA ASN B 30 6.03 -10.05 -23.27
C ASN B 30 5.97 -8.57 -23.59
N THR B 31 4.77 -8.00 -23.64
CA THR B 31 4.61 -6.56 -23.62
C THR B 31 4.75 -6.05 -22.19
N SER B 32 4.84 -4.73 -22.05
CA SER B 32 5.36 -4.11 -20.85
C SER B 32 4.27 -3.87 -19.79
N ARG B 33 4.70 -3.38 -18.63
CA ARG B 33 3.93 -2.77 -17.56
C ARG B 33 3.19 -3.78 -16.69
N VAL B 34 3.15 -5.06 -17.03
CA VAL B 34 2.34 -6.03 -16.31
C VAL B 34 3.22 -6.92 -15.48
N GLY B 35 2.70 -7.33 -14.32
CA GLY B 35 3.41 -8.23 -13.44
C GLY B 35 2.45 -9.23 -12.81
N VAL B 36 2.96 -10.43 -12.58
CA VAL B 36 2.18 -11.54 -12.05
C VAL B 36 2.85 -12.06 -10.80
N GLY B 37 2.05 -12.56 -9.86
CA GLY B 37 2.58 -13.07 -8.60
C GLY B 37 1.58 -14.00 -7.96
N TRP B 38 2.04 -14.65 -6.87
CA TRP B 38 1.25 -15.63 -6.14
C TRP B 38 1.10 -15.20 -4.69
N ILE B 39 -0.09 -15.45 -4.12
CA ILE B 39 -0.36 -15.23 -2.71
C ILE B 39 -1.06 -16.47 -2.18
N ARG B 40 -0.88 -16.73 -0.88
CA ARG B 40 -1.49 -17.88 -0.25
C ARG B 40 -2.16 -17.46 1.05
N GLN B 41 -3.13 -18.28 1.47
CA GLN B 41 -3.83 -18.08 2.73
C GLN B 41 -4.05 -19.44 3.39
N PRO B 42 -3.25 -19.82 4.37
CA PRO B 42 -3.58 -20.98 5.18
C PRO B 42 -4.92 -20.77 5.86
N PRO B 43 -5.89 -21.68 5.66
CA PRO B 43 -7.26 -21.41 6.11
C PRO B 43 -7.34 -20.80 7.50
N GLY B 44 -8.06 -19.70 7.63
CA GLY B 44 -8.19 -18.95 8.87
C GLY B 44 -7.11 -17.92 9.08
N LYS B 45 -5.86 -18.28 8.77
CA LYS B 45 -4.75 -17.37 8.98
C LYS B 45 -4.78 -16.23 7.96
N ALA B 46 -3.80 -15.34 8.07
CA ALA B 46 -3.73 -14.17 7.21
C ALA B 46 -3.20 -14.53 5.82
N LEU B 47 -3.32 -13.59 4.91
CA LEU B 47 -2.66 -13.72 3.61
C LEU B 47 -1.15 -13.57 3.78
N GLU B 48 -0.42 -14.32 2.97
CA GLU B 48 1.04 -14.22 2.93
C GLU B 48 1.47 -14.14 1.49
N TRP B 49 2.17 -13.07 1.13
CA TRP B 49 2.70 -12.94 -0.22
C TRP B 49 3.86 -13.88 -0.42
N LEU B 50 3.96 -14.45 -1.63
CA LEU B 50 4.96 -15.47 -1.93
C LEU B 50 5.97 -15.01 -2.98
N ALA B 51 5.51 -14.62 -4.18
CA ALA B 51 6.42 -14.36 -5.28
C ALA B 51 5.77 -13.39 -6.26
N LEU B 52 6.61 -12.80 -7.10
CA LEU B 52 6.18 -11.81 -8.08
C LEU B 52 7.16 -11.81 -9.23
N ILE B 53 6.64 -11.64 -10.45
CA ILE B 53 7.45 -11.61 -11.66
C ILE B 53 6.90 -10.52 -12.57
N TYR B 54 7.80 -9.83 -13.27
CA TYR B 54 7.45 -8.65 -14.05
C TYR B 54 7.68 -8.90 -15.54
N TRP B 55 7.15 -7.97 -16.34
CA TRP B 55 7.34 -8.03 -17.79
C TRP B 55 8.81 -8.04 -18.15
N ASN B 56 9.64 -7.29 -17.41
CA ASN B 56 11.07 -7.26 -17.65
C ASN B 56 11.79 -8.47 -17.07
N ASP B 57 11.05 -9.48 -16.62
CA ASP B 57 11.57 -10.79 -16.24
C ASP B 57 12.37 -10.79 -14.94
N ASP B 58 12.45 -9.65 -14.25
CA ASP B 58 12.99 -9.67 -12.90
C ASP B 58 12.00 -10.33 -11.96
N LYS B 59 12.52 -11.00 -10.94
CA LYS B 59 11.69 -11.78 -10.02
C LYS B 59 12.06 -11.45 -8.58
N ARG B 60 11.05 -11.16 -7.76
CA ARG B 60 11.22 -10.79 -6.37
C ARG B 60 10.31 -11.67 -5.52
N TYR B 61 10.84 -12.23 -4.44
CA TYR B 61 10.13 -13.21 -3.61
C TYR B 61 9.99 -12.72 -2.19
N SER B 62 9.18 -13.44 -1.40
CA SER B 62 9.05 -13.14 0.02
C SER B 62 10.41 -13.34 0.69
N PRO B 63 10.91 -12.36 1.45
CA PRO B 63 12.29 -12.48 1.96
C PRO B 63 12.55 -13.75 2.72
N SER B 64 11.63 -14.18 3.58
CA SER B 64 11.85 -15.37 4.38
C SER B 64 11.71 -16.66 3.58
N LEU B 65 11.16 -16.59 2.37
CA LEU B 65 10.94 -17.77 1.55
C LEU B 65 11.70 -17.70 0.22
N LYS B 66 12.56 -16.70 0.04
CA LYS B 66 13.44 -16.71 -1.13
C LYS B 66 14.32 -17.96 -1.15
N SER B 67 14.52 -18.59 0.01
CA SER B 67 15.38 -19.77 0.09
C SER B 67 14.77 -21.00 -0.56
N ARG B 68 13.46 -20.99 -0.84
CA ARG B 68 12.75 -22.20 -1.25
C ARG B 68 11.90 -22.02 -2.50
N LEU B 69 11.95 -20.87 -3.16
CA LEU B 69 10.99 -20.53 -4.20
C LEU B 69 11.67 -20.19 -5.52
N THR B 70 10.97 -20.51 -6.60
CA THR B 70 11.31 -20.02 -7.93
C THR B 70 10.01 -19.83 -8.71
N ILE B 71 9.95 -18.78 -9.52
CA ILE B 71 8.79 -18.48 -10.35
C ILE B 71 9.30 -18.22 -11.77
N THR B 72 8.60 -18.76 -12.77
CA THR B 72 9.11 -18.79 -14.13
C THR B 72 7.99 -18.48 -15.13
N LYS B 73 8.37 -18.45 -16.40
CA LYS B 73 7.50 -18.07 -17.51
C LYS B 73 7.65 -19.12 -18.61
N ASP B 74 6.52 -19.65 -19.09
CA ASP B 74 6.55 -20.76 -20.03
C ASP B 74 6.02 -20.40 -21.41
N THR B 75 4.77 -19.96 -21.52
CA THR B 75 4.15 -19.66 -22.80
C THR B 75 3.75 -18.18 -22.84
N SER B 76 3.10 -17.79 -23.92
CA SER B 76 2.59 -16.43 -24.01
C SER B 76 1.53 -16.15 -22.94
N ASN B 77 0.98 -17.20 -22.32
CA ASN B 77 -0.10 -17.02 -21.36
C ASN B 77 0.02 -17.96 -20.16
N GLN B 78 1.24 -18.33 -19.76
CA GLN B 78 1.42 -19.21 -18.61
C GLN B 78 2.54 -18.70 -17.70
N VAL B 79 2.32 -18.84 -16.39
CA VAL B 79 3.32 -18.58 -15.37
C VAL B 79 3.34 -19.77 -14.42
N VAL B 80 4.55 -20.20 -14.04
CA VAL B 80 4.73 -21.39 -13.22
C VAL B 80 5.45 -20.99 -11.94
N LEU B 81 4.84 -21.32 -10.81
CA LEU B 81 5.48 -21.19 -9.50
C LEU B 81 6.06 -22.54 -9.10
N THR B 82 7.07 -22.50 -8.25
CA THR B 82 7.72 -23.71 -7.75
C THR B 82 8.11 -23.50 -6.30
N MET B 83 7.96 -24.54 -5.49
CA MET B 83 8.23 -24.47 -4.07
C MET B 83 8.76 -25.82 -3.60
N THR B 84 9.78 -25.79 -2.76
CA THR B 84 10.53 -26.98 -2.37
C THR B 84 10.43 -27.19 -0.86
N ASN B 85 11.01 -28.30 -0.42
CA ASN B 85 11.18 -28.61 1.00
C ASN B 85 9.90 -28.32 1.77
N MET B 86 8.82 -28.96 1.32
CA MET B 86 7.50 -28.70 1.87
C MET B 86 7.39 -29.20 3.30
N ASP B 87 6.51 -28.54 4.05
CA ASP B 87 6.11 -28.93 5.39
C ASP B 87 4.59 -28.83 5.46
N PRO B 88 3.92 -29.68 6.24
CA PRO B 88 2.45 -29.63 6.27
C PRO B 88 1.88 -28.29 6.63
N VAL B 89 2.63 -27.44 7.35
CA VAL B 89 2.13 -26.10 7.64
C VAL B 89 1.96 -25.28 6.37
N ASP B 90 2.61 -25.68 5.28
CA ASP B 90 2.42 -25.00 4.00
C ASP B 90 1.01 -25.21 3.45
N THR B 91 0.28 -26.18 3.96
CA THR B 91 -1.10 -26.41 3.53
C THR B 91 -1.86 -25.11 3.53
N ALA B 92 -2.31 -24.69 2.35
CA ALA B 92 -2.98 -23.40 2.23
C ALA B 92 -3.62 -23.31 0.86
N THR B 93 -4.52 -22.35 0.72
CA THR B 93 -5.06 -21.98 -0.58
C THR B 93 -4.10 -21.02 -1.27
N TYR B 94 -3.77 -21.32 -2.53
CA TYR B 94 -2.77 -20.58 -3.28
C TYR B 94 -3.42 -19.86 -4.45
N TYR B 95 -3.12 -18.57 -4.57
CA TYR B 95 -3.67 -17.72 -5.61
C TYR B 95 -2.56 -17.21 -6.52
N CYS B 96 -2.94 -16.82 -7.74
CA CYS B 96 -2.08 -16.05 -8.62
C CYS B 96 -2.85 -14.82 -9.07
N ALA B 97 -2.17 -13.67 -9.11
CA ALA B 97 -2.82 -12.39 -9.30
C ALA B 97 -2.07 -11.58 -10.35
N HIS B 98 -2.66 -10.43 -10.70
CA HIS B 98 -2.18 -9.59 -11.78
C HIS B 98 -1.99 -8.16 -11.30
N ARG B 99 -0.98 -7.49 -11.86
CA ARG B 99 -0.69 -6.09 -11.59
C ARG B 99 -0.50 -5.35 -12.91
N TYR B 100 -0.98 -4.11 -12.99
CA TYR B 100 -0.88 -3.33 -14.20
C TYR B 100 0.28 -2.34 -14.19
N SER B 101 0.88 -2.09 -13.04
CA SER B 101 1.97 -1.12 -12.91
C SER B 101 3.31 -1.82 -12.92
N SER B 102 4.36 -1.02 -13.01
CA SER B 102 5.74 -1.48 -12.89
C SER B 102 6.46 -0.68 -11.82
N ARG B 103 5.75 -0.32 -10.74
CA ARG B 103 6.33 0.42 -9.63
C ARG B 103 6.86 -0.52 -8.55
N TRP B 104 7.66 -1.52 -8.94
CA TRP B 104 8.31 -2.41 -7.98
C TRP B 104 7.30 -3.00 -7.00
N TYR B 105 7.36 -2.61 -5.71
CA TYR B 105 6.34 -3.01 -4.75
C TYR B 105 5.04 -2.26 -5.04
N TRP B 106 3.93 -3.00 -5.13
CA TRP B 106 2.70 -2.41 -5.62
C TRP B 106 1.53 -3.31 -5.24
N TYR B 107 0.32 -2.77 -5.40
CA TYR B 107 -0.88 -3.52 -5.10
C TYR B 107 -1.14 -4.58 -6.17
N PHE B 108 -2.15 -5.40 -5.94
CA PHE B 108 -2.60 -6.41 -6.89
C PHE B 108 -3.98 -6.03 -7.41
N ASP B 109 -4.11 -5.98 -8.74
CA ASP B 109 -5.34 -5.48 -9.36
C ASP B 109 -6.38 -6.58 -9.57
N LEU B 110 -5.96 -7.74 -10.07
CA LEU B 110 -6.87 -8.84 -10.37
C LEU B 110 -6.39 -10.11 -9.70
N TRP B 111 -7.32 -11.04 -9.48
CA TRP B 111 -7.06 -12.25 -8.73
C TRP B 111 -7.69 -13.45 -9.40
N GLY B 112 -6.98 -14.57 -9.39
CA GLY B 112 -7.59 -15.84 -9.75
C GLY B 112 -8.39 -16.42 -8.60
N ARG B 113 -9.28 -17.35 -8.93
CA ARG B 113 -10.13 -17.92 -7.90
C ARG B 113 -9.37 -18.84 -6.94
N GLY B 114 -8.13 -19.22 -7.28
CA GLY B 114 -7.28 -19.95 -6.36
C GLY B 114 -7.52 -21.45 -6.39
N THR B 115 -6.52 -22.18 -5.88
CA THR B 115 -6.59 -23.63 -5.77
C THR B 115 -5.92 -24.05 -4.48
N LEU B 116 -6.52 -25.04 -3.80
CA LEU B 116 -6.03 -25.50 -2.52
C LEU B 116 -4.89 -26.50 -2.71
N VAL B 117 -3.94 -26.44 -1.78
CA VAL B 117 -2.85 -27.41 -1.71
C VAL B 117 -2.87 -28.04 -0.33
N THR B 118 -3.09 -29.35 -0.28
CA THR B 118 -2.93 -30.13 0.94
C THR B 118 -1.52 -30.71 0.98
N VAL B 119 -0.93 -30.73 2.16
CA VAL B 119 0.44 -31.23 2.35
C VAL B 119 0.40 -32.20 3.52
N SER B 120 0.35 -33.49 3.22
CA SER B 120 0.39 -34.52 4.24
C SER B 120 0.59 -35.88 3.58
N SER B 121 1.31 -36.74 4.28
CA SER B 121 1.57 -38.10 3.79
C SER B 121 0.29 -38.91 3.95
N ALA B 122 -0.45 -39.09 2.86
CA ALA B 122 -1.68 -39.85 2.92
C ALA B 122 -2.06 -40.34 1.54
N SER B 123 -2.92 -41.34 1.51
CA SER B 123 -3.46 -41.87 0.26
C SER B 123 -4.53 -40.94 -0.27
N THR B 124 -4.71 -40.97 -1.60
CA THR B 124 -5.69 -40.10 -2.28
C THR B 124 -7.06 -40.78 -2.30
N LYS B 125 -7.56 -41.10 -1.11
CA LYS B 125 -8.83 -41.79 -0.98
C LYS B 125 -9.99 -40.90 -1.39
N GLY B 126 -10.93 -41.47 -2.13
CA GLY B 126 -12.12 -40.75 -2.55
C GLY B 126 -13.27 -40.93 -1.57
N PRO B 127 -14.34 -40.17 -1.77
CA PRO B 127 -15.46 -40.17 -0.81
C PRO B 127 -16.40 -41.34 -1.02
N SER B 128 -17.27 -41.52 -0.02
CA SER B 128 -18.39 -42.47 -0.09
C SER B 128 -19.65 -41.69 0.25
N VAL B 129 -20.54 -41.53 -0.72
CA VAL B 129 -21.74 -40.72 -0.57
C VAL B 129 -22.84 -41.57 0.06
N PHE B 130 -23.66 -40.93 0.88
CA PHE B 130 -24.82 -41.56 1.48
C PHE B 130 -25.91 -40.52 1.63
N PRO B 131 -27.18 -40.90 1.51
CA PRO B 131 -28.27 -39.93 1.63
C PRO B 131 -28.69 -39.72 3.08
N LEU B 132 -29.46 -38.66 3.29
CA LEU B 132 -30.09 -38.38 4.57
C LEU B 132 -31.58 -38.18 4.30
N ALA B 133 -32.39 -39.14 4.73
CA ALA B 133 -33.76 -39.24 4.25
C ALA B 133 -34.59 -38.06 4.72
N PRO B 134 -35.45 -37.50 3.85
CA PRO B 134 -36.48 -36.55 4.31
C PRO B 134 -37.66 -37.26 4.95
N SER B 135 -37.38 -37.96 6.05
CA SER B 135 -38.38 -38.84 6.66
C SER B 135 -39.50 -38.01 7.28
N SER B 136 -40.45 -38.72 7.90
CA SER B 136 -41.57 -38.05 8.56
C SER B 136 -41.07 -37.08 9.62
N LYS B 137 -40.01 -37.46 10.34
CA LYS B 137 -39.49 -36.61 11.41
C LYS B 137 -38.90 -35.30 10.90
N SER B 138 -38.57 -35.22 9.61
CA SER B 138 -37.98 -34.02 9.03
C SER B 138 -39.02 -33.01 8.59
N THR B 139 -40.29 -33.18 8.99
CA THR B 139 -41.34 -32.25 8.63
C THR B 139 -41.43 -31.12 9.64
N SER B 140 -41.60 -29.90 9.15
CA SER B 140 -41.78 -28.74 10.02
C SER B 140 -42.15 -27.54 9.17
N GLY B 141 -43.07 -26.73 9.68
CA GLY B 141 -43.42 -25.48 9.03
C GLY B 141 -43.92 -25.64 7.61
N GLY B 142 -44.53 -26.77 7.29
CA GLY B 142 -44.97 -27.00 5.93
C GLY B 142 -43.84 -27.25 4.96
N THR B 143 -42.66 -27.63 5.45
CA THR B 143 -41.51 -27.89 4.60
C THR B 143 -40.77 -29.12 5.13
N ALA B 144 -39.86 -29.62 4.30
CA ALA B 144 -39.00 -30.74 4.68
C ALA B 144 -37.61 -30.48 4.10
N ALA B 145 -36.61 -31.17 4.66
CA ALA B 145 -35.24 -31.02 4.24
C ALA B 145 -34.63 -32.37 3.94
N LEU B 146 -33.70 -32.38 2.97
CA LEU B 146 -33.00 -33.59 2.55
C LEU B 146 -31.57 -33.23 2.22
N GLY B 147 -30.67 -34.21 2.36
CA GLY B 147 -29.27 -33.95 2.13
C GLY B 147 -28.49 -35.22 1.88
N CYS B 148 -27.26 -35.03 1.44
CA CYS B 148 -26.35 -36.13 1.11
C CYS B 148 -25.12 -36.05 2.02
N LEU B 149 -24.82 -37.17 2.67
CA LEU B 149 -23.59 -37.28 3.45
C LEU B 149 -22.44 -37.64 2.51
N VAL B 150 -21.30 -36.98 2.72
CA VAL B 150 -20.07 -37.29 1.99
C VAL B 150 -18.98 -37.55 3.02
N LYS B 151 -18.40 -38.74 2.99
CA LYS B 151 -17.61 -39.23 4.11
C LYS B 151 -16.44 -40.06 3.62
N ASP B 152 -15.36 -40.05 4.41
CA ASP B 152 -14.18 -40.90 4.19
C ASP B 152 -13.49 -40.58 2.87
N TYR B 153 -12.99 -39.35 2.76
CA TYR B 153 -12.16 -38.91 1.64
C TYR B 153 -11.00 -38.11 2.22
N PHE B 154 -9.77 -38.42 1.80
CA PHE B 154 -8.65 -37.64 2.34
C PHE B 154 -8.47 -36.28 1.67
N PRO B 155 -8.20 -36.21 0.36
CA PRO B 155 -7.82 -34.92 -0.24
C PRO B 155 -8.99 -33.95 -0.18
N GLU B 156 -8.78 -32.82 0.49
CA GLU B 156 -9.90 -31.99 0.95
C GLU B 156 -10.85 -31.56 -0.16
N PRO B 157 -10.39 -31.15 -1.35
CA PRO B 157 -11.33 -30.58 -2.33
C PRO B 157 -12.52 -31.49 -2.65
N VAL B 158 -13.71 -31.07 -2.25
CA VAL B 158 -14.96 -31.74 -2.59
C VAL B 158 -15.96 -30.69 -3.04
N THR B 159 -16.63 -30.95 -4.17
CA THR B 159 -17.63 -30.05 -4.71
C THR B 159 -18.97 -30.77 -4.81
N VAL B 160 -20.05 -30.02 -4.59
CA VAL B 160 -21.39 -30.58 -4.57
C VAL B 160 -22.35 -29.63 -5.27
N SER B 161 -23.30 -30.19 -6.01
CA SER B 161 -24.36 -29.44 -6.66
C SER B 161 -25.65 -30.25 -6.58
N TRP B 162 -26.78 -29.55 -6.67
CA TRP B 162 -28.09 -30.17 -6.49
C TRP B 162 -28.90 -30.07 -7.77
N ASN B 163 -29.48 -31.20 -8.16
CA ASN B 163 -30.22 -31.32 -9.42
C ASN B 163 -29.36 -30.85 -10.59
N SER B 164 -28.14 -31.39 -10.66
CA SER B 164 -27.23 -31.15 -11.78
C SER B 164 -27.04 -29.65 -12.03
N GLY B 165 -26.97 -28.88 -10.94
CA GLY B 165 -26.77 -27.46 -11.03
C GLY B 165 -28.03 -26.65 -11.28
N ALA B 166 -29.18 -27.29 -11.44
CA ALA B 166 -30.42 -26.53 -11.66
C ALA B 166 -30.84 -25.78 -10.41
N LEU B 167 -30.58 -26.33 -9.23
CA LEU B 167 -31.04 -25.76 -7.97
C LEU B 167 -29.90 -25.03 -7.28
N THR B 168 -30.13 -23.76 -6.96
CA THR B 168 -29.17 -22.94 -6.23
C THR B 168 -29.71 -22.46 -4.90
N SER B 169 -30.95 -21.97 -4.87
CA SER B 169 -31.48 -21.34 -3.67
C SER B 169 -31.80 -22.38 -2.59
N GLY B 170 -31.63 -21.96 -1.34
CA GLY B 170 -31.96 -22.80 -0.20
C GLY B 170 -30.96 -23.89 0.10
N VAL B 171 -29.91 -24.03 -0.70
CA VAL B 171 -28.92 -25.09 -0.53
C VAL B 171 -27.86 -24.61 0.46
N HIS B 172 -27.36 -25.55 1.26
CA HIS B 172 -26.26 -25.30 2.19
C HIS B 172 -25.22 -26.39 2.05
N THR B 173 -23.96 -25.98 1.89
CA THR B 173 -22.84 -26.90 1.72
C THR B 173 -21.91 -26.70 2.92
N PHE B 174 -22.00 -27.62 3.88
CA PHE B 174 -21.29 -27.43 5.14
C PHE B 174 -19.79 -27.58 4.97
N PRO B 175 -18.99 -26.84 5.75
CA PRO B 175 -17.56 -27.09 5.79
C PRO B 175 -17.26 -28.49 6.31
N ALA B 176 -16.18 -29.08 5.79
CA ALA B 176 -15.81 -30.44 6.16
C ALA B 176 -15.06 -30.46 7.49
N VAL B 177 -15.14 -31.59 8.18
CA VAL B 177 -14.45 -31.79 9.45
C VAL B 177 -13.60 -33.04 9.34
N LEU B 178 -12.50 -33.05 10.10
CA LEU B 178 -11.59 -34.19 10.13
C LEU B 178 -12.07 -35.18 11.18
N GLN B 179 -12.30 -36.42 10.76
CA GLN B 179 -12.71 -37.47 11.68
C GLN B 179 -11.50 -38.11 12.34
N SER B 180 -11.74 -38.84 13.42
CA SER B 180 -10.65 -39.52 14.11
C SER B 180 -9.95 -40.51 13.19
N SER B 181 -10.61 -40.96 12.12
CA SER B 181 -10.03 -41.91 11.18
C SER B 181 -9.03 -41.27 10.23
N GLY B 182 -8.84 -39.96 10.29
CA GLY B 182 -7.95 -39.28 9.38
C GLY B 182 -8.60 -38.85 8.08
N LEU B 183 -9.87 -39.16 7.86
CA LEU B 183 -10.59 -38.81 6.65
C LEU B 183 -11.66 -37.77 6.98
N TYR B 184 -11.85 -36.82 6.07
CA TYR B 184 -12.85 -35.78 6.27
C TYR B 184 -14.24 -36.31 5.94
N SER B 185 -15.24 -35.57 6.40
CA SER B 185 -16.64 -35.88 6.11
C SER B 185 -17.46 -34.60 6.24
N LEU B 186 -18.64 -34.62 5.63
CA LEU B 186 -19.49 -33.44 5.58
C LEU B 186 -20.89 -33.88 5.17
N SER B 187 -21.75 -32.89 4.90
CA SER B 187 -23.07 -33.15 4.34
C SER B 187 -23.61 -31.84 3.77
N SER B 188 -24.36 -31.95 2.68
CA SER B 188 -25.01 -30.83 2.03
C SER B 188 -26.51 -31.05 2.04
N VAL B 189 -27.26 -29.98 2.33
CA VAL B 189 -28.70 -30.07 2.57
C VAL B 189 -29.43 -28.96 1.82
N VAL B 190 -30.74 -29.14 1.67
CA VAL B 190 -31.61 -28.15 1.05
C VAL B 190 -33.02 -28.40 1.56
N THR B 191 -33.87 -27.39 1.42
CA THR B 191 -35.24 -27.44 1.92
C THR B 191 -36.23 -27.31 0.78
N VAL B 192 -37.41 -27.91 0.95
CA VAL B 192 -38.44 -27.91 -0.08
C VAL B 192 -39.80 -27.73 0.58
N PRO B 193 -40.78 -27.23 -0.17
CA PRO B 193 -42.16 -27.24 0.33
C PRO B 193 -42.62 -28.66 0.61
N SER B 194 -43.41 -28.81 1.68
CA SER B 194 -43.86 -30.15 2.07
C SER B 194 -44.71 -30.80 0.99
N SER B 195 -45.37 -29.99 0.14
CA SER B 195 -46.11 -30.56 -0.97
C SER B 195 -45.19 -31.32 -1.91
N SER B 196 -43.99 -30.78 -2.14
CA SER B 196 -43.00 -31.43 -3.01
C SER B 196 -42.31 -32.53 -2.23
N LEU B 197 -42.96 -33.69 -2.19
CA LEU B 197 -42.42 -34.85 -1.49
C LEU B 197 -41.51 -35.67 -2.39
N GLY B 198 -42.04 -36.13 -3.51
CA GLY B 198 -41.24 -36.82 -4.51
C GLY B 198 -41.63 -36.40 -5.92
N THR B 199 -42.29 -35.24 -6.00
CA THR B 199 -42.79 -34.75 -7.29
C THR B 199 -41.66 -34.55 -8.28
N GLN B 200 -40.44 -34.29 -7.79
CA GLN B 200 -39.25 -34.23 -8.64
C GLN B 200 -38.13 -35.00 -7.96
N THR B 201 -37.47 -35.87 -8.71
CA THR B 201 -36.35 -36.64 -8.17
C THR B 201 -35.22 -35.69 -7.79
N TYR B 202 -34.98 -35.54 -6.50
CA TYR B 202 -33.93 -34.65 -6.02
C TYR B 202 -32.59 -35.37 -6.05
N ILE B 203 -31.61 -34.74 -6.71
CA ILE B 203 -30.31 -35.35 -6.96
C ILE B 203 -29.23 -34.43 -6.42
N CYS B 204 -28.28 -34.99 -5.68
CA CYS B 204 -27.07 -34.30 -5.27
C CYS B 204 -25.92 -34.82 -6.11
N ASN B 205 -25.27 -33.93 -6.85
CA ASN B 205 -24.17 -34.30 -7.73
C ASN B 205 -22.86 -33.94 -7.04
N VAL B 206 -22.12 -34.96 -6.60
CA VAL B 206 -20.89 -34.80 -5.84
C VAL B 206 -19.72 -35.14 -6.74
N ASN B 207 -18.76 -34.23 -6.85
CA ASN B 207 -17.59 -34.41 -7.70
C ASN B 207 -16.33 -34.27 -6.84
N HIS B 208 -15.43 -35.25 -6.96
CA HIS B 208 -14.17 -35.28 -6.22
C HIS B 208 -13.06 -35.54 -7.23
N LYS B 209 -12.59 -34.47 -7.86
CA LYS B 209 -11.64 -34.60 -8.96
C LYS B 209 -10.31 -35.24 -8.55
N PRO B 210 -9.68 -34.89 -7.43
CA PRO B 210 -8.38 -35.50 -7.12
C PRO B 210 -8.43 -37.01 -7.08
N SER B 211 -9.55 -37.60 -6.69
CA SER B 211 -9.76 -39.04 -6.81
C SER B 211 -10.49 -39.43 -8.10
N ASN B 212 -10.93 -38.45 -8.89
CA ASN B 212 -11.75 -38.65 -10.08
C ASN B 212 -13.11 -39.25 -9.74
N THR B 213 -13.44 -39.38 -8.46
CA THR B 213 -14.71 -39.96 -8.06
C THR B 213 -15.82 -38.93 -8.18
N LYS B 214 -16.91 -39.31 -8.83
CA LYS B 214 -18.05 -38.42 -9.05
C LYS B 214 -19.32 -39.25 -8.95
N VAL B 215 -20.21 -38.86 -8.04
CA VAL B 215 -21.39 -39.66 -7.70
C VAL B 215 -22.64 -38.81 -7.81
N ASP B 216 -23.71 -39.39 -8.34
CA ASP B 216 -25.04 -38.81 -8.33
C ASP B 216 -25.92 -39.68 -7.45
N LYS B 217 -26.70 -39.05 -6.58
CA LYS B 217 -27.45 -39.78 -5.58
C LYS B 217 -28.87 -39.24 -5.47
N LYS B 218 -29.83 -40.15 -5.33
CA LYS B 218 -31.22 -39.84 -5.04
C LYS B 218 -31.50 -40.18 -3.58
N VAL B 219 -32.64 -39.71 -3.09
CA VAL B 219 -33.09 -40.04 -1.74
C VAL B 219 -34.61 -40.03 -1.77
N GLU B 220 -35.21 -40.87 -0.93
CA GLU B 220 -36.66 -41.04 -0.93
C GLU B 220 -37.34 -39.68 -0.99
N VAL C 7 33.51 8.14 8.29
CA VAL C 7 33.72 8.77 6.96
C VAL C 7 33.03 10.12 6.91
N CYS C 8 31.70 10.08 6.90
CA CYS C 8 30.92 11.30 6.94
C CYS C 8 30.94 11.89 8.35
N GLN C 9 31.08 13.22 8.42
CA GLN C 9 31.08 13.88 9.72
C GLN C 9 29.66 14.14 10.22
N TYR C 10 28.71 14.32 9.30
CA TYR C 10 27.30 14.44 9.66
C TYR C 10 26.45 13.84 8.55
N THR C 11 25.56 12.93 8.92
CA THR C 11 24.75 12.18 7.97
C THR C 11 23.28 12.45 8.22
N ILE C 12 22.52 12.63 7.14
CA ILE C 12 21.08 12.84 7.19
C ILE C 12 20.40 11.78 6.35
N GLN C 13 19.45 11.07 6.97
CA GLN C 13 18.60 10.13 6.25
C GLN C 13 17.41 10.87 5.66
N SER C 14 16.85 10.31 4.60
CA SER C 14 15.61 10.83 4.03
C SER C 14 14.94 9.74 3.21
N LEU C 15 13.62 9.88 3.07
CA LEU C 15 12.80 8.91 2.35
C LEU C 15 12.23 9.58 1.11
N ILE C 16 12.36 8.93 -0.02
CA ILE C 16 11.92 9.48 -1.30
C ILE C 16 10.48 9.05 -1.52
N HIS C 17 9.64 9.99 -1.96
CA HIS C 17 8.20 9.78 -2.11
C HIS C 17 7.80 10.01 -3.57
N LEU C 18 7.79 8.94 -4.34
CA LEU C 18 7.17 8.96 -5.66
C LEU C 18 5.66 9.18 -5.51
N THR C 19 5.06 9.75 -6.55
CA THR C 19 3.60 9.85 -6.60
C THR C 19 3.18 9.84 -8.06
N GLY C 20 2.43 8.83 -8.46
CA GLY C 20 2.03 8.69 -9.84
C GLY C 20 3.15 8.13 -10.70
N GLU C 21 2.87 8.08 -12.01
CA GLU C 21 3.86 7.60 -12.96
C GLU C 21 5.05 8.54 -13.02
N ASP C 22 6.21 7.98 -13.33
CA ASP C 22 7.42 8.78 -13.48
C ASP C 22 7.27 9.68 -14.70
N PRO C 23 7.33 11.02 -14.56
CA PRO C 23 7.16 11.88 -15.73
C PRO C 23 8.34 11.89 -16.67
N GLY C 24 9.50 11.41 -16.24
CA GLY C 24 10.67 11.38 -17.10
C GLY C 24 11.96 11.77 -16.40
N PHE C 25 11.88 12.08 -15.10
CA PHE C 25 13.07 12.42 -14.34
C PHE C 25 12.83 12.19 -12.87
N PHE C 26 13.89 11.82 -12.16
CA PHE C 26 13.87 11.79 -10.71
C PHE C 26 14.24 13.17 -10.18
N ASN C 27 13.72 13.50 -9.00
CA ASN C 27 13.96 14.81 -8.41
C ASN C 27 14.02 14.66 -6.90
N VAL C 28 15.08 15.19 -6.29
CA VAL C 28 15.33 15.06 -4.86
C VAL C 28 15.69 16.43 -4.29
N GLU C 29 15.16 16.72 -3.10
CA GLU C 29 15.40 17.99 -2.42
C GLU C 29 16.18 17.75 -1.14
N ILE C 30 17.24 18.51 -0.94
CA ILE C 30 18.14 18.37 0.19
C ILE C 30 18.20 19.69 0.93
N PRO C 31 17.41 19.86 2.00
CA PRO C 31 17.36 21.17 2.68
C PRO C 31 18.44 21.33 3.74
N GLU C 32 18.94 20.22 4.27
CA GLU C 32 19.72 20.27 5.50
C GLU C 32 21.12 20.85 5.32
N PHE C 33 21.67 20.80 4.11
CA PHE C 33 23.04 21.26 3.93
C PHE C 33 23.14 22.76 4.25
N PRO C 34 24.28 23.22 4.75
CA PRO C 34 24.43 24.62 5.13
C PRO C 34 24.92 25.50 3.99
N PHE C 35 24.55 26.78 4.08
CA PHE C 35 25.01 27.80 3.13
C PHE C 35 25.10 29.12 3.89
N TYR C 36 26.33 29.51 4.22
CA TYR C 36 26.53 30.58 5.18
C TYR C 36 26.13 31.93 4.59
N PRO C 37 25.65 32.85 5.42
CA PRO C 37 25.32 34.19 4.93
C PRO C 37 26.54 35.08 4.82
N THR C 38 26.54 35.95 3.80
CA THR C 38 27.57 36.95 3.61
C THR C 38 28.88 36.34 3.10
N CYS C 39 28.94 35.01 3.02
CA CYS C 39 30.15 34.32 2.59
C CYS C 39 30.04 34.06 1.09
N ASN C 40 30.62 34.96 0.30
CA ASN C 40 30.65 34.83 -1.15
C ASN C 40 31.85 34.03 -1.65
N VAL C 41 32.79 33.70 -0.77
CA VAL C 41 33.88 32.79 -1.10
C VAL C 41 33.59 31.37 -0.61
N CYS C 42 32.31 31.05 -0.41
CA CYS C 42 31.92 29.75 0.11
C CYS C 42 32.12 28.67 -0.96
N THR C 43 33.31 28.06 -0.96
CA THR C 43 33.71 27.11 -2.00
C THR C 43 33.42 25.69 -1.51
N ALA C 44 32.18 25.27 -1.69
CA ALA C 44 31.77 23.92 -1.35
C ALA C 44 32.07 22.97 -2.51
N ASP C 45 32.41 21.73 -2.15
CA ASP C 45 32.75 20.69 -3.12
C ASP C 45 31.86 19.48 -2.84
N VAL C 46 31.50 18.77 -3.91
CA VAL C 46 30.45 17.76 -3.83
C VAL C 46 30.78 16.56 -4.70
N ASN C 47 30.68 15.37 -4.12
CA ASN C 47 30.48 14.12 -4.85
C ASN C 47 29.00 13.74 -4.75
N VAL C 48 28.53 12.98 -5.73
CA VAL C 48 27.21 12.35 -5.68
C VAL C 48 27.36 10.88 -6.05
N THR C 49 26.71 10.03 -5.27
CA THR C 49 26.73 8.59 -5.48
C THR C 49 25.30 8.07 -5.59
N ILE C 50 25.07 7.19 -6.55
CA ILE C 50 23.77 6.57 -6.76
C ILE C 50 23.95 5.06 -6.79
N ASN C 51 23.02 4.35 -6.17
CA ASN C 51 23.03 2.89 -6.13
C ASN C 51 21.88 2.37 -6.97
N PHE C 52 22.20 1.55 -7.97
CA PHE C 52 21.22 0.99 -8.88
C PHE C 52 21.13 -0.51 -8.69
N ASP C 53 19.91 -1.02 -8.64
CA ASP C 53 19.64 -2.45 -8.57
C ASP C 53 19.09 -2.87 -9.92
N VAL C 54 19.91 -3.54 -10.71
CA VAL C 54 19.54 -3.99 -12.05
C VAL C 54 19.38 -5.51 -11.98
N GLY C 55 18.13 -5.96 -11.97
CA GLY C 55 17.85 -7.39 -11.93
C GLY C 55 18.41 -8.09 -10.72
N GLY C 56 18.61 -7.38 -9.61
CA GLY C 56 19.15 -7.95 -8.41
C GLY C 56 20.65 -7.81 -8.24
N LYS C 57 21.32 -7.06 -9.10
CA LYS C 57 22.76 -6.84 -9.01
C LYS C 57 23.00 -5.41 -8.55
N LYS C 58 23.66 -5.26 -7.41
CA LYS C 58 23.91 -3.96 -6.80
C LYS C 58 25.07 -3.28 -7.53
N HIS C 59 24.78 -2.13 -8.14
CA HIS C 59 25.74 -1.39 -8.94
C HIS C 59 25.65 0.09 -8.59
N GLN C 60 26.76 0.79 -8.77
CA GLN C 60 26.89 2.18 -8.31
C GLN C 60 27.22 3.12 -9.46
N LEU C 61 27.04 4.41 -9.19
CA LEU C 61 27.35 5.47 -10.15
C LEU C 61 27.77 6.70 -9.36
N ASP C 62 29.08 6.97 -9.34
CA ASP C 62 29.62 8.14 -8.66
C ASP C 62 29.66 9.32 -9.62
N LEU C 63 29.42 10.52 -9.08
CA LEU C 63 29.41 11.75 -9.84
C LEU C 63 30.19 12.83 -9.10
N ASP C 64 30.91 13.65 -9.86
CA ASP C 64 31.70 14.75 -9.32
C ASP C 64 31.09 16.07 -9.77
N PHE C 65 30.95 17.01 -8.85
CA PHE C 65 30.42 18.32 -9.15
C PHE C 65 31.37 19.46 -8.83
N GLY C 66 32.47 19.19 -8.13
CA GLY C 66 33.51 20.18 -7.95
C GLY C 66 33.06 21.37 -7.14
N GLN C 67 33.71 22.51 -7.40
CA GLN C 67 33.48 23.71 -6.63
C GLN C 67 32.06 24.23 -6.82
N LEU C 68 31.54 24.90 -5.80
CA LEU C 68 30.29 25.63 -5.88
C LEU C 68 30.56 27.12 -5.68
N THR C 69 29.84 27.94 -6.42
CA THR C 69 29.87 29.40 -6.27
C THR C 69 28.43 29.86 -6.14
N PRO C 70 27.80 29.64 -4.98
CA PRO C 70 26.37 29.99 -4.84
C PRO C 70 26.08 31.44 -5.16
N HIS C 71 27.01 32.35 -4.87
CA HIS C 71 26.80 33.76 -5.14
C HIS C 71 26.77 34.08 -6.64
N THR C 72 27.19 33.15 -7.50
CA THR C 72 27.38 33.48 -8.92
C THR C 72 26.74 32.48 -9.88
N LYS C 73 26.60 31.22 -9.48
CA LYS C 73 26.06 30.20 -10.37
C LYS C 73 25.07 29.32 -9.62
N ALA C 74 24.08 28.81 -10.34
CA ALA C 74 22.95 28.11 -9.74
C ALA C 74 22.88 26.64 -10.13
N VAL C 75 22.84 26.33 -11.42
CA VAL C 75 22.66 24.96 -11.90
C VAL C 75 24.01 24.44 -12.40
N TYR C 76 24.34 23.21 -12.02
CA TYR C 76 25.65 22.64 -12.25
C TYR C 76 25.52 21.31 -12.97
N GLN C 77 26.18 21.19 -14.12
CA GLN C 77 26.32 19.89 -14.76
C GLN C 77 27.51 19.14 -14.15
N PRO C 78 27.46 17.81 -14.11
CA PRO C 78 28.56 17.07 -13.50
C PRO C 78 29.89 17.31 -14.20
N ARG C 79 30.97 17.36 -13.41
CA ARG C 79 32.30 17.44 -13.97
C ARG C 79 32.73 16.11 -14.58
N GLY C 80 32.17 15.01 -14.09
CA GLY C 80 32.53 13.69 -14.60
C GLY C 80 31.65 12.64 -13.96
N ALA C 81 31.83 11.41 -14.43
CA ALA C 81 31.03 10.29 -13.94
C ALA C 81 31.82 9.00 -14.09
N PHE C 82 31.39 7.97 -13.36
CA PHE C 82 32.02 6.66 -13.38
C PHE C 82 30.96 5.62 -13.73
N GLY C 83 31.18 4.90 -14.83
CA GLY C 83 30.26 3.86 -15.24
C GLY C 83 29.07 4.33 -16.04
N GLY C 84 29.14 5.54 -16.61
CA GLY C 84 28.01 6.08 -17.34
C GLY C 84 27.96 5.67 -18.80
N SER C 85 26.88 6.07 -19.45
CA SER C 85 26.66 5.82 -20.87
C SER C 85 27.18 7.00 -21.68
N GLU C 86 26.83 7.05 -22.96
CA GLU C 86 27.25 8.15 -23.82
C GLU C 86 26.79 9.48 -23.23
N ASN C 87 27.74 10.41 -23.12
CA ASN C 87 27.45 11.74 -22.57
C ASN C 87 26.63 11.64 -21.29
N ALA C 88 27.10 10.77 -20.38
CA ALA C 88 26.34 10.50 -19.17
C ALA C 88 26.19 11.73 -18.29
N THR C 89 27.25 12.55 -18.20
CA THR C 89 27.19 13.74 -17.36
C THR C 89 26.04 14.65 -17.77
N ASN C 90 25.65 14.62 -19.04
CA ASN C 90 24.55 15.45 -19.53
C ASN C 90 23.18 14.86 -19.22
N LEU C 91 23.11 13.91 -18.28
CA LEU C 91 21.85 13.33 -17.84
C LEU C 91 21.49 13.78 -16.42
N PHE C 92 22.25 14.68 -15.82
CA PHE C 92 22.08 15.07 -14.43
C PHE C 92 22.07 16.58 -14.31
N LEU C 93 21.53 17.06 -13.19
CA LEU C 93 21.58 18.47 -12.84
C LEU C 93 21.47 18.61 -11.33
N LEU C 94 22.17 19.60 -10.79
CA LEU C 94 22.03 20.00 -9.39
C LEU C 94 21.75 21.50 -9.36
N GLU C 95 20.62 21.88 -8.78
CA GLU C 95 20.14 23.24 -8.80
C GLU C 95 19.90 23.75 -7.39
N LEU C 96 20.37 24.97 -7.13
CA LEU C 96 20.11 25.63 -5.86
C LEU C 96 18.68 26.19 -5.84
N LEU C 97 18.15 26.34 -4.63
CA LEU C 97 16.74 26.73 -4.47
C LEU C 97 16.51 27.86 -3.47
N GLY C 98 17.51 28.23 -2.68
CA GLY C 98 17.34 29.29 -1.70
C GLY C 98 17.06 28.76 -0.31
N ALA C 99 17.29 29.62 0.68
CA ALA C 99 17.10 29.28 2.09
C ALA C 99 17.90 28.03 2.46
N GLY C 100 19.11 27.90 1.90
CA GLY C 100 19.95 26.77 2.19
C GLY C 100 19.51 25.47 1.55
N GLU C 101 18.50 25.50 0.70
CA GLU C 101 18.00 24.31 0.03
C GLU C 101 18.63 24.17 -1.35
N LEU C 102 18.74 22.92 -1.80
CA LEU C 102 19.14 22.60 -3.16
C LEU C 102 18.35 21.39 -3.61
N ALA C 103 18.49 21.06 -4.90
CA ALA C 103 17.77 19.93 -5.46
C ALA C 103 18.66 19.20 -6.46
N LEU C 104 18.31 17.94 -6.70
CA LEU C 104 19.01 17.09 -7.65
C LEU C 104 18.00 16.53 -8.65
N THR C 105 18.38 16.47 -9.92
CA THR C 105 17.52 15.96 -10.97
C THR C 105 18.30 15.01 -11.85
N MET C 106 17.63 13.94 -12.30
CA MET C 106 18.19 12.99 -13.24
C MET C 106 17.14 12.61 -14.26
N ARG C 107 17.52 12.59 -15.53
CA ARG C 107 16.65 12.09 -16.57
C ARG C 107 16.53 10.57 -16.44
N SER C 108 15.30 10.07 -16.57
CA SER C 108 15.03 8.64 -16.38
C SER C 108 14.56 7.94 -17.65
N LYS C 109 14.33 8.66 -18.74
CA LYS C 109 13.96 8.04 -20.00
C LYS C 109 15.17 7.60 -20.82
N LYS C 110 16.38 7.82 -20.30
CA LYS C 110 17.60 7.36 -20.94
C LYS C 110 18.47 6.64 -19.90
N LEU C 111 19.32 5.74 -20.39
CA LEU C 111 20.09 4.87 -19.51
C LEU C 111 21.27 5.63 -18.91
N PRO C 112 21.39 5.72 -17.57
CA PRO C 112 22.57 6.37 -16.98
C PRO C 112 23.85 5.57 -17.15
N ILE C 113 23.79 4.27 -16.85
CA ILE C 113 24.99 3.44 -16.79
C ILE C 113 24.94 2.38 -17.87
N ASN C 114 26.09 1.77 -18.12
CA ASN C 114 26.22 0.73 -19.14
C ASN C 114 25.93 -0.63 -18.53
N VAL C 115 25.09 -1.42 -19.22
CA VAL C 115 24.80 -2.80 -18.83
C VAL C 115 24.57 -3.60 -20.09
N THR C 116 24.77 -4.91 -19.99
CA THR C 116 24.71 -5.78 -21.16
C THR C 116 23.27 -5.89 -21.68
N THR C 117 23.15 -6.28 -22.94
CA THR C 117 21.84 -6.43 -23.56
C THR C 117 21.00 -7.41 -22.76
N GLY C 118 19.75 -7.01 -22.47
CA GLY C 118 18.84 -7.76 -21.63
C GLY C 118 18.63 -7.17 -20.26
N GLU C 119 19.64 -6.47 -19.73
CA GLU C 119 19.55 -5.84 -18.42
C GLU C 119 18.94 -4.44 -18.46
N GLU C 120 18.73 -3.87 -19.65
CA GLU C 120 18.28 -2.48 -19.72
C GLU C 120 16.94 -2.29 -19.03
N GLN C 121 15.99 -3.18 -19.31
CA GLN C 121 14.65 -3.03 -18.77
C GLN C 121 14.60 -3.16 -17.25
N GLN C 122 15.62 -3.78 -16.65
CA GLN C 122 15.59 -4.15 -15.25
C GLN C 122 16.28 -3.15 -14.33
N VAL C 123 16.74 -2.01 -14.86
CA VAL C 123 17.46 -1.05 -14.04
C VAL C 123 16.49 -0.37 -13.09
N SER C 124 16.88 -0.24 -11.83
CA SER C 124 16.06 0.40 -10.82
C SER C 124 16.97 1.11 -9.82
N LEU C 125 16.42 2.14 -9.18
CA LEU C 125 17.15 2.94 -8.21
C LEU C 125 16.77 2.52 -6.80
N GLU C 126 17.77 2.23 -5.97
CA GLU C 126 17.56 1.87 -4.58
C GLU C 126 17.77 3.04 -3.63
N SER C 127 18.90 3.75 -3.76
CA SER C 127 19.20 4.83 -2.85
C SER C 127 20.21 5.78 -3.50
N VAL C 128 20.33 6.96 -2.92
CA VAL C 128 21.25 7.99 -3.39
C VAL C 128 21.97 8.59 -2.20
N ASP C 129 23.25 8.92 -2.39
CA ASP C 129 24.04 9.62 -1.39
C ASP C 129 24.61 10.90 -2.00
N VAL C 130 24.66 11.96 -1.19
CA VAL C 130 25.22 13.24 -1.60
C VAL C 130 26.30 13.61 -0.58
N TYR C 131 27.55 13.66 -1.03
CA TYR C 131 28.67 14.01 -0.18
C TYR C 131 29.02 15.47 -0.41
N PHE C 132 29.19 16.22 0.68
CA PHE C 132 29.26 17.67 0.63
C PHE C 132 30.42 18.15 1.50
N GLN C 133 31.53 18.50 0.87
CA GLN C 133 32.63 19.13 1.59
C GLN C 133 32.30 20.58 1.86
N ASP C 134 32.39 20.97 3.13
CA ASP C 134 32.03 22.32 3.54
C ASP C 134 33.16 23.29 3.22
N VAL C 135 32.84 24.58 3.33
CA VAL C 135 33.88 25.62 3.21
C VAL C 135 34.96 25.38 4.26
N PHE C 136 34.56 25.02 5.48
CA PHE C 136 35.50 24.71 6.55
C PHE C 136 36.06 23.29 6.43
N GLY C 137 35.83 22.61 5.31
CA GLY C 137 36.38 21.29 5.08
C GLY C 137 35.53 20.14 5.60
N THR C 138 34.57 20.41 6.48
CA THR C 138 33.77 19.35 7.06
C THR C 138 32.98 18.62 5.97
N MET C 139 32.98 17.29 6.05
CA MET C 139 32.29 16.45 5.06
C MET C 139 30.88 16.19 5.56
N TRP C 140 29.92 16.92 5.03
CA TRP C 140 28.51 16.64 5.26
C TRP C 140 28.03 15.60 4.25
N CYS C 141 26.99 14.86 4.63
CA CYS C 141 26.48 13.79 3.79
C CYS C 141 24.97 13.73 3.89
N HIS C 142 24.36 13.23 2.82
CA HIS C 142 22.93 13.00 2.74
C HIS C 142 22.70 11.61 2.15
N HIS C 143 21.68 10.92 2.67
CA HIS C 143 21.28 9.62 2.16
C HIS C 143 19.78 9.65 1.89
N ALA C 144 19.40 9.27 0.67
CA ALA C 144 18.00 9.19 0.28
C ALA C 144 17.71 7.76 -0.16
N GLU C 145 16.65 7.18 0.40
CA GLU C 145 16.30 5.79 0.16
C GLU C 145 14.97 5.72 -0.59
N MET C 146 14.97 5.03 -1.73
CA MET C 146 13.72 4.73 -2.42
C MET C 146 13.00 3.64 -1.65
N GLN C 147 12.19 4.04 -0.66
CA GLN C 147 11.45 3.06 0.13
C GLN C 147 10.78 2.02 -0.76
N ASN C 148 10.36 2.43 -1.96
CA ASN C 148 9.90 1.51 -2.99
C ASN C 148 10.58 1.86 -4.30
N PRO C 149 11.56 1.07 -4.76
CA PRO C 149 12.25 1.39 -6.01
C PRO C 149 11.31 1.45 -7.20
N VAL C 150 11.85 1.84 -8.35
CA VAL C 150 11.10 1.90 -9.61
C VAL C 150 11.99 1.38 -10.72
N TYR C 151 11.40 0.60 -11.62
CA TYR C 151 12.11 0.13 -12.80
C TYR C 151 12.12 1.22 -13.86
N LEU C 152 13.29 1.48 -14.44
CA LEU C 152 13.41 2.48 -15.49
C LEU C 152 12.99 1.89 -16.84
N ILE C 153 12.37 2.73 -17.67
CA ILE C 153 11.89 2.32 -18.98
C ILE C 153 12.48 3.25 -20.04
N PRO C 154 13.58 2.89 -20.71
CA PRO C 154 14.13 3.76 -21.75
C PRO C 154 13.19 3.85 -22.95
N GLU C 155 12.99 5.07 -23.44
CA GLU C 155 12.17 5.30 -24.62
C GLU C 155 12.27 6.78 -25.00
N THR C 156 12.21 7.05 -26.31
CA THR C 156 12.27 8.41 -26.84
C THR C 156 10.84 8.87 -27.10
N VAL C 157 10.16 9.25 -26.02
CA VAL C 157 8.74 9.61 -26.08
C VAL C 157 8.57 10.87 -26.92
N PRO C 158 7.51 10.99 -27.71
CA PRO C 158 7.37 12.15 -28.60
C PRO C 158 6.83 13.38 -27.90
N TYR C 159 6.88 14.49 -28.63
CA TYR C 159 6.20 15.71 -28.23
C TYR C 159 4.75 15.66 -28.72
N ILE C 160 3.83 16.05 -27.85
CA ILE C 160 2.40 16.01 -28.15
C ILE C 160 1.85 17.42 -28.02
N LYS C 161 1.14 17.88 -29.06
CA LYS C 161 0.58 19.22 -29.10
C LYS C 161 -0.93 19.12 -29.22
N TRP C 162 -1.64 19.64 -28.21
CA TRP C 162 -3.09 19.79 -28.28
C TRP C 162 -3.40 21.08 -29.03
N ASP C 163 -3.14 21.04 -30.33
CA ASP C 163 -3.16 22.25 -31.16
C ASP C 163 -4.53 22.92 -31.18
N ASN C 164 -5.59 22.20 -30.84
CA ASN C 164 -6.93 22.77 -30.82
C ASN C 164 -7.24 23.57 -29.57
N CYS C 165 -6.25 23.96 -28.79
CA CYS C 165 -6.47 24.57 -27.48
C CYS C 165 -6.30 26.08 -27.55
N ASN C 166 -7.14 26.78 -26.79
CA ASN C 166 -7.05 28.23 -26.70
C ASN C 166 -5.72 28.63 -26.07
N SER C 167 -5.04 29.59 -26.68
CA SER C 167 -3.67 29.94 -26.32
C SER C 167 -3.63 31.33 -25.70
N THR C 168 -3.67 31.40 -24.37
CA THR C 168 -3.42 32.65 -23.68
C THR C 168 -1.93 32.92 -23.62
N ASN C 169 -1.57 34.20 -23.53
CA ASN C 169 -0.21 34.64 -23.74
C ASN C 169 0.56 34.91 -22.45
N ILE C 170 -0.03 34.64 -21.29
CA ILE C 170 0.69 34.81 -20.04
C ILE C 170 1.69 33.66 -19.92
N THR C 171 2.95 33.93 -20.24
CA THR C 171 3.96 32.88 -20.24
C THR C 171 4.23 32.38 -18.83
N ALA C 172 4.36 31.06 -18.69
CA ALA C 172 4.61 30.43 -17.40
C ALA C 172 6.11 30.46 -17.12
N VAL C 173 6.50 31.21 -16.10
CA VAL C 173 7.91 31.39 -15.75
C VAL C 173 8.25 30.40 -14.65
N VAL C 174 9.08 29.42 -14.97
CA VAL C 174 9.57 28.46 -13.99
C VAL C 174 10.83 29.04 -13.35
N ARG C 175 10.81 29.16 -12.03
CA ARG C 175 11.95 29.69 -11.28
C ARG C 175 12.06 28.93 -9.97
N ALA C 176 13.30 28.53 -9.63
CA ALA C 176 13.56 27.76 -8.42
C ALA C 176 12.76 26.45 -8.41
N GLN C 177 12.56 25.87 -9.59
CA GLN C 177 11.83 24.61 -9.74
C GLN C 177 10.35 24.79 -9.41
N GLY C 178 9.96 25.97 -8.92
CA GLY C 178 8.59 26.19 -8.49
C GLY C 178 7.84 27.11 -9.41
N LEU C 179 6.93 26.56 -10.19
CA LEU C 179 6.10 27.38 -11.06
C LEU C 179 5.04 28.12 -10.27
N ASP C 180 4.68 29.30 -10.75
CA ASP C 180 3.60 30.08 -10.15
C ASP C 180 3.05 31.01 -11.23
N VAL C 181 1.83 30.76 -11.67
CA VAL C 181 1.22 31.51 -12.76
C VAL C 181 -0.27 31.68 -12.49
N THR C 182 -0.80 32.84 -12.85
CA THR C 182 -2.21 33.18 -12.63
C THR C 182 -2.81 33.54 -13.99
N LEU C 183 -3.90 32.85 -14.36
CA LEU C 183 -4.51 33.04 -15.67
C LEU C 183 -5.97 33.47 -15.55
N PRO C 184 -6.45 34.33 -16.44
CA PRO C 184 -7.87 34.67 -16.45
C PRO C 184 -8.72 33.58 -17.10
N LEU C 185 -10.02 33.64 -16.83
CA LEU C 185 -10.96 32.64 -17.32
C LEU C 185 -12.26 33.32 -17.74
N SER C 186 -12.83 32.85 -18.85
CA SER C 186 -14.14 33.27 -19.32
C SER C 186 -15.04 32.05 -19.39
N LEU C 187 -16.10 32.04 -18.61
CA LEU C 187 -16.97 30.89 -18.45
C LEU C 187 -18.40 31.24 -18.88
N PRO C 188 -19.18 30.24 -19.29
CA PRO C 188 -20.63 30.47 -19.53
C PRO C 188 -21.41 30.57 -18.23
N THR C 189 -21.24 31.70 -17.55
CA THR C 189 -21.84 31.92 -16.24
C THR C 189 -21.28 30.92 -15.23
N SER C 190 -22.06 29.91 -14.88
CA SER C 190 -21.69 29.00 -13.79
C SER C 190 -21.31 29.80 -12.54
N ALA C 191 -22.12 30.82 -12.23
CA ALA C 191 -21.85 31.65 -11.06
C ALA C 191 -21.81 30.83 -9.79
N GLN C 192 -22.42 29.65 -9.80
CA GLN C 192 -22.38 28.72 -8.68
C GLN C 192 -22.02 27.34 -9.22
N ASP C 193 -21.78 26.42 -8.28
CA ASP C 193 -21.19 25.12 -8.59
C ASP C 193 -21.75 24.51 -9.86
N SER C 194 -20.84 24.07 -10.73
CA SER C 194 -21.17 23.27 -11.91
C SER C 194 -20.24 22.07 -11.99
N ASN C 195 -19.95 21.46 -10.84
CA ASN C 195 -19.08 20.30 -10.74
C ASN C 195 -17.77 20.56 -11.50
N PHE C 196 -17.07 21.60 -11.07
CA PHE C 196 -15.84 22.01 -11.72
C PHE C 196 -14.71 21.04 -11.40
N SER C 197 -13.97 20.65 -12.43
CA SER C 197 -12.79 19.80 -12.29
C SER C 197 -11.69 20.33 -13.18
N VAL C 198 -10.44 20.15 -12.77
CA VAL C 198 -9.30 20.70 -13.46
C VAL C 198 -8.19 19.67 -13.56
N LYS C 199 -7.40 19.78 -14.62
CA LYS C 199 -6.24 18.91 -14.86
C LYS C 199 -5.24 19.69 -15.71
N THR C 200 -3.95 19.45 -15.45
CA THR C 200 -2.88 20.16 -16.14
C THR C 200 -1.84 19.18 -16.67
N GLN C 201 -1.22 19.56 -17.79
CA GLN C 201 -0.22 18.73 -18.45
C GLN C 201 0.86 19.63 -19.05
N MET C 202 2.11 19.21 -18.89
CA MET C 202 3.27 19.97 -19.36
C MET C 202 4.12 19.04 -20.22
N LEU C 203 4.50 19.53 -21.41
CA LEU C 203 5.11 18.66 -22.41
C LEU C 203 6.32 19.30 -23.05
N GLY C 204 7.33 18.48 -23.33
CA GLY C 204 8.53 18.91 -24.04
C GLY C 204 9.74 18.07 -23.71
N ASN C 205 10.49 17.67 -24.74
CA ASN C 205 11.74 16.92 -24.59
C ASN C 205 11.53 15.65 -23.75
N GLU C 206 10.60 14.82 -24.22
CA GLU C 206 10.36 13.48 -23.67
C GLU C 206 9.66 13.49 -22.31
N ILE C 207 9.49 14.67 -21.72
CA ILE C 207 8.97 14.78 -20.36
C ILE C 207 7.48 15.10 -20.43
N ASP C 208 6.71 14.45 -19.55
CA ASP C 208 5.27 14.66 -19.47
C ASP C 208 4.87 14.71 -18.01
N ILE C 209 4.49 15.89 -17.54
CA ILE C 209 4.07 16.10 -16.16
C ILE C 209 2.57 16.37 -16.16
N GLU C 210 1.82 15.45 -15.57
CA GLU C 210 0.36 15.54 -15.49
C GLU C 210 -0.04 15.66 -14.04
N CYS C 211 -0.97 16.57 -13.75
CA CYS C 211 -1.34 16.89 -12.39
C CYS C 211 -2.85 16.80 -12.22
N ILE C 212 -3.28 16.48 -11.00
CA ILE C 212 -4.67 16.17 -10.69
C ILE C 212 -5.07 16.90 -9.42
N MET C 213 -6.37 17.04 -9.21
CA MET C 213 -6.89 17.61 -7.98
C MET C 213 -6.83 16.61 -6.85
N GLU C 214 -6.44 17.08 -5.67
CA GLU C 214 -6.69 16.36 -4.43
C GLU C 214 -8.04 16.79 -3.86
N ASP C 215 -8.49 16.05 -2.86
CA ASP C 215 -9.72 16.38 -2.14
C ASP C 215 -10.95 16.31 -3.04
N GLY C 216 -10.88 15.58 -4.13
CA GLY C 216 -12.04 15.36 -4.99
C GLY C 216 -12.13 16.42 -6.08
N GLU C 217 -13.33 16.95 -6.29
CA GLU C 217 -13.60 17.94 -7.32
C GLU C 217 -14.43 19.07 -6.73
N ILE C 218 -14.53 20.16 -7.48
CA ILE C 218 -15.16 21.38 -6.98
C ILE C 218 -16.67 21.27 -7.16
N SER C 219 -17.38 21.12 -6.04
CA SER C 219 -18.83 21.27 -5.99
C SER C 219 -19.24 22.11 -4.79
N GLN C 220 -18.33 22.93 -4.26
CA GLN C 220 -18.55 23.70 -3.05
C GLN C 220 -17.98 25.11 -3.20
N VAL C 221 -18.28 25.75 -4.33
CA VAL C 221 -17.74 27.07 -4.60
C VAL C 221 -18.22 28.10 -3.59
N LEU C 222 -17.39 29.10 -3.33
CA LEU C 222 -17.72 30.27 -2.54
C LEU C 222 -17.37 31.52 -3.34
N PRO C 223 -18.12 32.61 -3.19
CA PRO C 223 -17.70 33.88 -3.79
C PRO C 223 -16.36 34.34 -3.21
N GLY C 224 -15.58 34.97 -4.05
CA GLY C 224 -14.25 35.43 -3.66
C GLY C 224 -13.17 34.43 -4.07
N ASP C 225 -12.31 34.07 -3.13
CA ASP C 225 -11.20 33.16 -3.37
C ASP C 225 -11.59 31.73 -2.98
N ASN C 226 -11.02 30.76 -3.69
CA ASN C 226 -11.34 29.35 -3.51
C ASN C 226 -10.06 28.54 -3.64
N LYS C 227 -9.52 28.10 -2.51
CA LYS C 227 -8.27 27.34 -2.49
C LYS C 227 -8.55 25.84 -2.62
N PHE C 228 -7.66 25.14 -3.30
CA PHE C 228 -7.78 23.70 -3.45
C PHE C 228 -6.41 23.08 -3.66
N ASN C 229 -6.23 21.88 -3.15
CA ASN C 229 -4.96 21.16 -3.23
C ASN C 229 -4.87 20.39 -4.55
N ILE C 230 -3.63 20.15 -4.98
CA ILE C 230 -3.37 19.44 -6.23
C ILE C 230 -2.18 18.50 -6.03
N THR C 231 -2.08 17.53 -6.95
CA THR C 231 -0.98 16.59 -6.99
C THR C 231 -0.45 16.49 -8.41
N CYS C 232 0.86 16.40 -8.54
CA CYS C 232 1.52 16.27 -9.83
C CYS C 232 2.23 14.93 -9.91
N SER C 233 2.14 14.29 -11.07
CA SER C 233 2.76 12.99 -11.28
C SER C 233 4.28 13.17 -11.29
N GLY C 234 4.91 12.81 -10.18
CA GLY C 234 6.35 12.95 -10.05
C GLY C 234 6.84 12.69 -8.65
N TYR C 235 7.85 13.44 -8.24
CA TYR C 235 8.45 13.32 -6.90
C TYR C 235 8.10 14.60 -6.14
N GLU C 236 6.97 14.55 -5.45
CA GLU C 236 6.43 15.75 -4.82
C GLU C 236 7.42 16.35 -3.85
N SER C 237 7.50 17.68 -3.86
CA SER C 237 8.39 18.39 -2.95
C SER C 237 7.84 18.38 -1.53
N HIS C 238 8.73 18.57 -0.57
CA HIS C 238 8.31 18.73 0.82
C HIS C 238 7.47 19.99 0.99
N VAL C 239 7.57 20.93 0.06
CA VAL C 239 6.67 22.07 -0.01
C VAL C 239 5.53 21.70 -0.97
N PRO C 240 4.28 21.77 -0.55
CA PRO C 240 3.20 21.21 -1.37
C PRO C 240 2.89 22.02 -2.61
N SER C 241 2.36 21.33 -3.62
CA SER C 241 1.73 21.99 -4.75
C SER C 241 0.36 22.50 -4.34
N GLY C 242 -0.15 23.48 -5.09
CA GLY C 242 -1.43 24.06 -4.75
C GLY C 242 -2.04 24.85 -5.88
N GLY C 243 -3.29 25.22 -5.69
CA GLY C 243 -4.00 26.04 -6.66
C GLY C 243 -5.17 26.74 -5.99
N ILE C 244 -5.48 27.94 -6.48
CA ILE C 244 -6.52 28.78 -5.90
C ILE C 244 -7.33 29.42 -7.02
N LEU C 245 -8.66 29.39 -6.89
CA LEU C 245 -9.56 30.04 -7.82
C LEU C 245 -10.14 31.31 -7.19
N THR C 246 -10.37 32.31 -8.03
CA THR C 246 -10.97 33.57 -7.62
C THR C 246 -12.22 33.84 -8.47
N SER C 247 -13.26 34.35 -7.83
CA SER C 247 -14.60 34.32 -8.42
C SER C 247 -14.74 35.12 -9.70
N THR C 248 -14.64 36.44 -9.65
CA THR C 248 -14.96 37.26 -10.82
C THR C 248 -14.52 38.69 -10.57
N SER C 249 -14.89 39.58 -11.50
CA SER C 249 -14.50 40.98 -11.54
C SER C 249 -15.60 41.88 -10.99
N PRO C 250 -15.26 43.10 -10.56
CA PRO C 250 -16.30 44.08 -10.21
C PRO C 250 -17.16 44.45 -11.41
N PRO C 256 -18.79 39.69 -23.59
CA PRO C 256 -19.87 39.49 -24.56
C PRO C 256 -20.37 38.05 -24.60
N GLY C 257 -21.60 37.86 -25.06
CA GLY C 257 -22.18 36.53 -25.12
C GLY C 257 -22.31 35.87 -23.76
N THR C 258 -22.73 36.63 -22.75
CA THR C 258 -22.90 36.14 -21.39
C THR C 258 -21.61 35.61 -20.79
N GLY C 259 -20.47 36.01 -21.34
CA GLY C 259 -19.19 35.61 -20.77
C GLY C 259 -19.04 36.10 -19.34
N TYR C 260 -18.77 35.18 -18.42
CA TYR C 260 -18.66 35.48 -17.00
C TYR C 260 -17.20 35.25 -16.58
N ALA C 261 -16.60 36.27 -15.99
CA ALA C 261 -15.15 36.27 -15.78
C ALA C 261 -14.75 35.52 -14.52
N TYR C 262 -13.64 34.78 -14.63
CA TYR C 262 -13.02 34.10 -13.51
C TYR C 262 -11.50 34.19 -13.67
N SER C 263 -10.79 33.95 -12.57
CA SER C 263 -9.33 33.96 -12.59
C SER C 263 -8.80 32.86 -11.69
N LEU C 264 -7.68 32.25 -12.10
CA LEU C 264 -7.17 31.05 -11.44
C LEU C 264 -5.66 31.17 -11.25
N ARG C 265 -5.19 30.69 -10.09
CA ARG C 265 -3.77 30.72 -9.72
C ARG C 265 -3.32 29.32 -9.37
N LEU C 266 -2.08 28.99 -9.72
CA LEU C 266 -1.54 27.65 -9.54
C LEU C 266 -0.06 27.71 -9.17
N THR C 267 0.43 26.64 -8.55
CA THR C 267 1.85 26.55 -8.22
C THR C 267 2.30 25.11 -7.97
N PRO C 268 2.57 24.33 -9.03
CA PRO C 268 3.20 23.02 -8.85
C PRO C 268 4.71 23.12 -8.91
N ARG C 269 5.39 22.38 -8.02
CA ARG C 269 6.85 22.53 -7.98
C ARG C 269 7.65 21.25 -7.87
N PRO C 270 7.27 20.16 -8.54
CA PRO C 270 8.28 19.18 -8.96
C PRO C 270 8.70 19.42 -10.41
N VAL C 271 8.98 20.67 -10.77
CA VAL C 271 9.17 21.05 -12.18
C VAL C 271 10.63 21.40 -12.39
N SER C 272 11.23 20.83 -13.44
CA SER C 272 12.65 20.95 -13.68
C SER C 272 12.91 21.39 -15.12
N ARG C 273 14.15 21.78 -15.39
CA ARG C 273 14.54 22.37 -16.66
C ARG C 273 14.65 21.35 -17.78
N PHE C 274 14.60 20.04 -17.48
CA PHE C 274 14.70 19.04 -18.54
C PHE C 274 13.54 19.16 -19.53
N LEU C 275 12.46 19.84 -19.17
CA LEU C 275 11.39 20.11 -20.12
C LEU C 275 11.91 20.88 -21.32
N GLY C 276 12.91 21.74 -21.13
CA GLY C 276 13.44 22.55 -22.19
C GLY C 276 12.75 23.90 -22.27
N ASN C 277 13.48 24.86 -22.85
CA ASN C 277 12.94 26.20 -23.02
C ASN C 277 11.79 26.25 -24.01
N ASN C 278 11.55 25.16 -24.74
CA ASN C 278 10.49 25.09 -25.76
C ASN C 278 9.20 24.51 -25.23
N SER C 279 9.19 23.90 -24.05
CA SER C 279 8.04 23.13 -23.59
C SER C 279 6.79 24.01 -23.50
N ILE C 280 5.65 23.33 -23.38
CA ILE C 280 4.34 23.99 -23.33
C ILE C 280 3.55 23.40 -22.17
N LEU C 281 2.78 24.26 -21.51
CA LEU C 281 1.85 23.86 -20.47
C LEU C 281 0.44 23.76 -21.05
N TYR C 282 -0.33 22.80 -20.52
CA TYR C 282 -1.73 22.62 -20.90
C TYR C 282 -2.57 22.57 -19.63
N VAL C 283 -3.69 23.29 -19.65
CA VAL C 283 -4.60 23.37 -18.51
C VAL C 283 -6.00 22.99 -18.99
N PHE C 284 -6.55 21.93 -18.41
CA PHE C 284 -7.90 21.48 -18.70
C PHE C 284 -8.79 21.78 -17.51
N TYR C 285 -9.86 22.53 -17.73
CA TYR C 285 -10.86 22.82 -16.71
C TYR C 285 -12.23 22.45 -17.27
N SER C 286 -13.26 22.58 -16.44
CA SER C 286 -14.58 22.11 -16.86
C SER C 286 -15.66 22.77 -16.01
N GLY C 287 -16.82 22.99 -16.64
CA GLY C 287 -18.03 23.34 -15.92
C GLY C 287 -18.89 22.10 -15.74
N ASN C 288 -20.15 22.16 -16.15
CA ASN C 288 -21.02 20.99 -16.18
C ASN C 288 -20.79 20.30 -17.52
N GLY C 289 -19.85 19.35 -17.53
CA GLY C 289 -19.46 18.69 -18.75
C GLY C 289 -19.41 17.18 -18.62
N GLY C 294 -12.29 14.72 -16.32
CA GLY C 294 -10.87 14.97 -16.46
C GLY C 294 -10.56 16.29 -17.16
N GLY C 295 -11.58 17.15 -17.26
CA GLY C 295 -11.42 18.44 -17.90
C GLY C 295 -11.97 18.48 -19.32
N ASP C 296 -12.71 19.53 -19.67
CA ASP C 296 -13.30 19.64 -21.00
C ASP C 296 -12.95 20.97 -21.66
N TYR C 297 -12.85 22.04 -20.87
CA TYR C 297 -12.47 23.35 -21.39
C TYR C 297 -10.96 23.53 -21.23
N CYS C 298 -10.28 23.93 -22.30
CA CYS C 298 -8.83 23.91 -22.37
C CYS C 298 -8.23 25.31 -22.46
N ILE C 299 -7.04 25.45 -21.87
CA ILE C 299 -6.16 26.60 -22.07
C ILE C 299 -4.72 26.12 -22.02
N GLN C 300 -3.87 26.69 -22.86
CA GLN C 300 -2.45 26.37 -22.90
C GLN C 300 -1.64 27.64 -22.70
N SER C 301 -0.35 27.47 -22.42
CA SER C 301 0.55 28.60 -22.28
C SER C 301 1.99 28.11 -22.42
N ASN C 302 2.79 28.85 -23.18
CA ASN C 302 4.17 28.47 -23.41
C ASN C 302 4.97 28.53 -22.12
N ILE C 303 5.87 27.56 -21.95
CA ILE C 303 6.73 27.49 -20.77
C ILE C 303 8.05 28.19 -21.07
N VAL C 304 8.55 28.92 -20.08
CA VAL C 304 9.87 29.56 -20.17
C VAL C 304 10.56 29.40 -18.82
N PHE C 305 11.84 29.07 -18.86
CA PHE C 305 12.63 28.82 -17.66
C PHE C 305 13.53 30.01 -17.37
N SER C 306 13.42 30.54 -16.16
CA SER C 306 14.21 31.71 -15.76
C SER C 306 15.65 31.30 -15.49
N ASP C 307 16.59 32.12 -15.97
CA ASP C 307 18.00 31.98 -15.65
C ASP C 307 18.37 32.72 -14.37
N GLU C 308 17.41 32.97 -13.50
CA GLU C 308 17.65 33.70 -12.27
C GLU C 308 18.54 32.90 -11.32
N ILE C 309 19.49 33.59 -10.69
CA ILE C 309 20.28 33.00 -9.62
C ILE C 309 19.50 33.13 -8.31
N PRO C 310 19.25 32.05 -7.58
CA PRO C 310 18.46 32.16 -6.35
C PRO C 310 19.10 33.15 -5.39
N ALA C 311 18.33 34.19 -5.04
CA ALA C 311 18.83 35.28 -4.21
C ALA C 311 18.56 35.06 -2.73
N SER C 312 18.44 33.80 -2.30
CA SER C 312 18.19 33.52 -0.88
C SER C 312 18.99 32.32 -0.39
N GLN C 313 20.04 31.92 -1.12
CA GLN C 313 20.79 30.72 -0.73
C GLN C 313 21.38 30.85 0.66
N ASP C 314 21.59 32.07 1.14
CA ASP C 314 22.05 32.25 2.52
C ASP C 314 21.11 31.55 3.48
N MET C 315 21.68 30.70 4.33
CA MET C 315 20.88 29.92 5.26
C MET C 315 20.08 30.85 6.15
N PRO C 316 18.80 30.54 6.43
CA PRO C 316 18.01 31.45 7.28
C PRO C 316 18.71 31.70 8.60
N THR C 317 18.75 32.96 8.99
CA THR C 317 19.60 33.41 10.10
C THR C 317 18.75 33.82 11.29
N ASN C 318 19.16 33.37 12.48
CA ASN C 318 18.65 33.91 13.73
C ASN C 318 19.33 35.25 13.94
N THR C 319 18.72 36.30 13.38
CA THR C 319 19.33 37.62 13.38
C THR C 319 19.31 38.21 14.80
N THR C 320 20.48 38.66 15.27
CA THR C 320 20.62 39.15 16.63
C THR C 320 21.57 40.34 16.66
N ASP C 321 21.46 41.14 17.72
CA ASP C 321 22.32 42.29 17.96
C ASP C 321 22.82 42.23 19.40
N ILE C 322 24.10 42.54 19.59
CA ILE C 322 24.75 42.41 20.89
C ILE C 322 25.63 43.63 21.13
N THR C 323 25.86 43.96 22.40
CA THR C 323 26.65 45.13 22.75
C THR C 323 27.15 45.01 24.18
N TYR C 324 28.45 45.23 24.39
CA TYR C 324 29.02 45.36 25.72
C TYR C 324 30.26 46.26 25.62
N VAL C 325 30.98 46.40 26.74
CA VAL C 325 32.05 47.40 26.83
C VAL C 325 33.31 46.91 26.12
N GLY C 326 34.14 47.88 25.73
CA GLY C 326 35.47 47.55 25.23
C GLY C 326 35.42 46.58 24.07
N ASP C 327 36.31 45.58 24.12
CA ASP C 327 36.34 44.52 23.14
C ASP C 327 36.02 43.15 23.75
N ASN C 328 35.83 43.08 25.07
CA ASN C 328 35.50 41.82 25.73
C ASN C 328 34.00 41.59 25.62
N ALA C 329 33.60 41.11 24.45
CA ALA C 329 32.21 40.78 24.15
C ALA C 329 32.02 39.27 24.14
N THR C 330 30.83 38.83 24.53
CA THR C 330 30.52 37.41 24.63
C THR C 330 29.10 37.16 24.14
N TYR C 331 28.76 35.88 24.01
CA TYR C 331 27.43 35.48 23.57
C TYR C 331 27.21 34.04 24.02
N SER C 332 26.18 33.84 24.85
CA SER C 332 25.81 32.50 25.31
C SER C 332 25.06 31.81 24.18
N VAL C 333 25.78 31.03 23.39
CA VAL C 333 25.21 30.39 22.20
C VAL C 333 24.35 29.22 22.62
N PRO C 334 23.06 29.20 22.27
CA PRO C 334 22.16 28.14 22.75
C PRO C 334 22.41 26.83 22.01
N MET C 335 21.60 25.83 22.34
CA MET C 335 21.63 24.56 21.64
C MET C 335 20.99 24.71 20.26
N VAL C 336 21.00 23.63 19.50
CA VAL C 336 20.35 23.59 18.19
C VAL C 336 18.85 23.38 18.41
N THR C 337 18.06 23.56 17.36
CA THR C 337 16.68 23.11 17.39
C THR C 337 16.66 21.58 17.39
N SER C 338 15.96 21.00 18.36
CA SER C 338 15.85 19.54 18.47
C SER C 338 17.24 18.91 18.58
N GLU C 339 17.94 19.25 19.66
CA GLU C 339 19.26 18.69 19.91
C GLU C 339 19.15 17.34 20.61
N ASP C 340 20.02 16.42 20.22
CA ASP C 340 20.27 15.24 21.05
C ASP C 340 21.09 15.68 22.25
N ALA C 341 20.44 15.74 23.42
CA ALA C 341 21.06 16.37 24.58
C ALA C 341 22.41 15.75 24.91
N ASN C 342 22.51 14.42 24.84
CA ASN C 342 23.78 13.77 25.10
C ASN C 342 24.81 14.09 24.02
N SER C 343 24.37 14.52 22.85
CA SER C 343 25.25 15.09 21.83
C SER C 343 26.43 14.18 21.52
N PRO C 344 26.21 13.09 20.78
CA PRO C 344 27.32 12.18 20.46
C PRO C 344 28.55 12.90 19.93
N ASN C 345 28.39 13.65 18.84
CA ASN C 345 29.46 14.46 18.28
C ASN C 345 28.88 15.81 17.85
N VAL C 346 29.63 16.88 18.09
CA VAL C 346 29.15 18.24 17.87
C VAL C 346 30.21 19.04 17.15
N THR C 347 29.77 20.08 16.44
CA THR C 347 30.68 20.98 15.74
C THR C 347 30.10 22.39 15.79
N VAL C 348 30.98 23.36 16.05
CA VAL C 348 30.63 24.78 16.04
C VAL C 348 31.70 25.53 15.28
N THR C 349 31.30 26.40 14.37
CA THR C 349 32.24 27.18 13.59
C THR C 349 31.65 28.57 13.33
N ALA C 350 32.54 29.53 13.14
CA ALA C 350 32.12 30.92 12.95
C ALA C 350 33.16 31.67 12.13
N PHE C 351 32.75 32.82 11.59
CA PHE C 351 33.64 33.67 10.81
C PHE C 351 33.00 35.04 10.71
N TRP C 352 33.81 36.03 10.35
CA TRP C 352 33.34 37.40 10.25
C TRP C 352 32.68 37.65 8.89
N ALA C 353 31.74 38.59 8.87
CA ALA C 353 30.91 38.79 7.70
C ALA C 353 31.73 39.22 6.49
N TRP C 354 31.29 38.80 5.31
CA TRP C 354 31.93 39.12 4.05
C TRP C 354 33.44 38.85 4.12
N PRO C 355 33.84 37.60 4.35
CA PRO C 355 35.28 37.29 4.48
C PRO C 355 36.02 37.55 3.19
N ASN C 356 37.35 37.50 3.30
CA ASN C 356 38.27 37.85 2.22
C ASN C 356 39.05 36.65 1.70
N ASN C 357 39.73 35.93 2.58
CA ASN C 357 40.64 34.85 2.19
C ASN C 357 40.07 33.52 2.65
N THR C 358 40.01 32.55 1.73
CA THR C 358 39.43 31.26 2.06
C THR C 358 40.27 30.51 3.09
N GLU C 359 41.59 30.52 2.92
CA GLU C 359 42.45 29.71 3.79
C GLU C 359 42.42 30.22 5.24
N THR C 360 42.39 31.54 5.44
CA THR C 360 42.63 32.11 6.75
C THR C 360 41.34 32.35 7.53
N ASP C 361 40.35 33.00 6.92
CA ASP C 361 39.16 33.41 7.65
C ASP C 361 38.27 32.24 8.07
N PHE C 362 38.62 31.01 7.70
CA PHE C 362 37.75 29.85 7.89
C PHE C 362 38.47 28.77 8.68
N LYS C 363 39.12 29.18 9.76
CA LYS C 363 39.84 28.25 10.63
C LYS C 363 39.26 28.23 12.04
N CYS C 364 38.06 28.78 12.26
CA CYS C 364 37.46 28.91 13.58
C CYS C 364 36.47 27.75 13.82
N LYS C 365 37.00 26.59 14.15
CA LYS C 365 36.16 25.43 14.41
C LYS C 365 36.40 24.88 15.81
N TRP C 366 35.37 24.23 16.35
CA TRP C 366 35.45 23.59 17.66
C TRP C 366 34.60 22.32 17.64
N THR C 367 34.99 21.38 18.50
CA THR C 367 34.21 20.17 18.76
C THR C 367 34.25 19.91 20.26
N LEU C 368 33.75 18.73 20.66
CA LEU C 368 33.84 18.35 22.07
C LEU C 368 35.28 18.07 22.46
N THR C 369 35.95 17.17 21.72
CA THR C 369 37.31 16.79 22.06
C THR C 369 38.32 17.87 21.68
N SER C 370 38.16 18.47 20.51
CA SER C 370 39.18 19.36 19.95
C SER C 370 38.99 20.76 20.51
N GLY C 371 39.93 21.21 21.34
CA GLY C 371 39.97 22.59 21.75
C GLY C 371 40.27 23.49 20.57
N THR C 372 40.56 24.74 20.88
CA THR C 372 40.77 25.74 19.83
C THR C 372 42.02 25.38 19.04
N PRO C 373 41.93 25.14 17.73
CA PRO C 373 43.12 24.82 16.94
C PRO C 373 43.85 26.07 16.43
N SER C 374 44.84 25.85 15.56
CA SER C 374 45.60 26.95 14.98
C SER C 374 44.66 27.91 14.22
N GLY C 375 45.23 29.05 13.83
CA GLY C 375 44.54 30.01 13.00
C GLY C 375 43.38 30.70 13.66
N CYS C 376 42.78 31.67 12.97
CA CYS C 376 41.54 32.31 13.42
C CYS C 376 41.66 32.95 14.81
N GLU C 377 42.34 34.08 14.88
CA GLU C 377 42.46 34.81 16.14
C GLU C 377 41.17 35.56 16.43
N ASN C 378 41.19 36.39 17.48
CA ASN C 378 40.12 37.31 17.81
C ASN C 378 38.90 36.59 18.41
N ILE C 379 38.93 35.26 18.44
CA ILE C 379 37.79 34.47 18.88
C ILE C 379 38.29 33.34 19.78
N SER C 380 37.41 32.88 20.66
CA SER C 380 37.72 31.81 21.59
C SER C 380 36.43 31.42 22.30
N GLY C 381 36.45 30.24 22.91
CA GLY C 381 35.30 29.78 23.65
C GLY C 381 35.38 28.30 23.95
N ALA C 382 34.45 27.86 24.79
CA ALA C 382 34.35 26.46 25.18
C ALA C 382 32.99 26.23 25.80
N PHE C 383 32.64 24.96 25.96
CA PHE C 383 31.39 24.60 26.62
C PHE C 383 31.54 24.67 28.13
N ALA C 384 30.40 24.58 28.83
CA ALA C 384 30.38 24.71 30.27
C ALA C 384 29.38 23.72 30.85
N SER C 385 29.39 23.60 32.18
CA SER C 385 28.37 22.80 32.86
C SER C 385 26.98 23.31 32.55
N ASN C 386 26.86 24.62 32.24
CA ASN C 386 25.62 25.14 31.70
C ASN C 386 25.24 24.43 30.40
N ARG C 387 26.21 23.86 29.70
CA ARG C 387 25.99 23.17 28.43
C ARG C 387 25.75 24.19 27.31
N THR C 388 25.63 25.46 27.67
CA THR C 388 25.56 26.53 26.69
C THR C 388 26.98 26.99 26.37
N PHE C 389 27.24 27.23 25.09
CA PHE C 389 28.59 27.59 24.65
C PHE C 389 28.77 29.09 24.86
N ASP C 390 29.53 29.46 25.90
CA ASP C 390 29.86 30.84 26.18
C ASP C 390 31.09 31.22 25.35
N ILE C 391 30.89 31.98 24.29
CA ILE C 391 31.96 32.36 23.38
C ILE C 391 32.61 33.65 23.88
N THR C 392 33.89 33.80 23.58
CA THR C 392 34.66 34.98 23.97
C THR C 392 35.41 35.49 22.75
N VAL C 393 35.31 36.81 22.52
CA VAL C 393 35.94 37.44 21.36
C VAL C 393 36.69 38.67 21.83
N SER C 394 37.59 39.16 20.97
CA SER C 394 38.43 40.29 21.28
C SER C 394 38.81 40.99 19.99
N GLY C 395 39.59 42.06 20.11
CA GLY C 395 40.05 42.80 18.96
C GLY C 395 38.95 43.49 18.18
N LEU C 396 37.84 43.80 18.83
CA LEU C 396 36.73 44.47 18.14
C LEU C 396 37.13 45.90 17.81
N GLY C 397 36.72 46.35 16.62
CA GLY C 397 37.07 47.67 16.15
C GLY C 397 36.26 48.76 16.80
N THR C 398 36.45 49.97 16.28
CA THR C 398 35.76 51.15 16.80
C THR C 398 34.35 51.29 16.24
N ALA C 399 33.88 50.35 15.43
CA ALA C 399 32.58 50.40 14.81
C ALA C 399 31.95 49.02 14.84
N PRO C 400 30.63 48.92 14.65
CA PRO C 400 29.97 47.61 14.69
C PRO C 400 30.51 46.64 13.64
N LYS C 401 30.48 45.36 13.99
CA LYS C 401 30.86 44.27 13.10
C LYS C 401 29.88 43.12 13.27
N THR C 402 29.72 42.33 12.22
CA THR C 402 28.78 41.21 12.20
C THR C 402 29.53 39.89 12.19
N LEU C 403 29.04 38.92 12.96
CA LEU C 403 29.66 37.61 13.08
C LEU C 403 28.67 36.54 12.66
N ILE C 404 29.18 35.50 12.01
CA ILE C 404 28.38 34.38 11.52
C ILE C 404 28.77 33.14 12.31
N ILE C 405 27.77 32.40 12.79
CA ILE C 405 27.99 31.25 13.66
C ILE C 405 27.07 30.11 13.22
N THR C 406 27.58 28.88 13.27
CA THR C 406 26.82 27.70 12.92
C THR C 406 27.12 26.58 13.89
N ARG C 407 26.08 25.81 14.25
CA ARG C 407 26.20 24.73 15.22
C ARG C 407 25.44 23.52 14.71
N THR C 408 25.91 22.33 15.12
CA THR C 408 25.23 21.09 14.76
C THR C 408 25.71 19.98 15.66
N ALA C 409 24.80 19.06 15.98
CA ALA C 409 25.12 17.83 16.68
C ALA C 409 24.50 16.67 15.92
N THR C 410 24.89 15.45 16.28
CA THR C 410 24.39 14.28 15.57
C THR C 410 22.87 14.22 15.67
N ASN C 411 22.23 13.95 14.53
CA ASN C 411 20.77 13.91 14.43
C ASN C 411 20.15 15.21 14.93
N ALA C 412 20.87 16.31 14.80
CA ALA C 412 20.32 17.64 14.97
C ALA C 412 19.98 18.23 13.60
N THR C 413 19.20 19.31 13.63
CA THR C 413 18.96 20.11 12.44
C THR C 413 19.82 21.38 12.54
N THR C 414 20.57 21.66 11.48
CA THR C 414 21.61 22.67 11.55
C THR C 414 21.03 24.03 11.92
N THR C 415 21.76 24.75 12.76
CA THR C 415 21.37 26.07 13.24
C THR C 415 22.48 27.07 12.93
N THR C 416 22.09 28.25 12.46
CA THR C 416 23.02 29.31 12.09
C THR C 416 22.56 30.62 12.71
N HIS C 417 23.50 31.36 13.29
CA HIS C 417 23.21 32.62 13.97
C HIS C 417 23.95 33.77 13.29
N LYS C 418 23.25 34.89 13.13
CA LYS C 418 23.82 36.13 12.64
C LYS C 418 23.86 37.10 13.82
N VAL C 419 25.07 37.45 14.27
CA VAL C 419 25.26 38.24 15.48
C VAL C 419 25.96 39.54 15.10
N ILE C 420 25.26 40.65 15.28
CA ILE C 420 25.83 41.98 15.08
C ILE C 420 26.40 42.44 16.42
N PHE C 421 27.72 42.56 16.50
CA PHE C 421 28.38 43.09 17.69
C PHE C 421 28.41 44.61 17.58
N SER C 422 27.26 45.22 17.88
CA SER C 422 27.15 46.68 17.83
C SER C 422 27.98 47.29 18.94
N LYS C 423 28.79 48.29 18.59
CA LYS C 423 29.65 48.94 19.55
C LYS C 423 28.81 49.72 20.57
N ALA C 424 29.43 50.05 21.70
CA ALA C 424 28.70 50.70 22.77
C ALA C 424 28.19 52.07 22.32
N PRO C 425 27.07 52.54 22.87
CA PRO C 425 26.50 53.82 22.46
C PRO C 425 27.26 54.99 23.08
N GLU C 426 26.80 56.20 22.75
CA GLU C 426 27.40 57.43 23.26
C GLU C 426 27.14 57.58 24.76
#